data_2D1P
#
_entry.id   2D1P
#
_cell.length_a   141.392
_cell.length_b   141.392
_cell.length_c   135.686
_cell.angle_alpha   90.00
_cell.angle_beta   90.00
_cell.angle_gamma   90.00
#
_symmetry.space_group_name_H-M   'P 41 21 2'
#
loop_
_entity.id
_entity.type
_entity.pdbx_description
1 polymer 'Hypothetical UPF0163 protein yheN'
2 polymer 'Hypothetical UPF0116 protein yheM'
3 polymer 'Hypothetical protein yheL'
4 non-polymer 'SULFATE ION'
5 water water
#
loop_
_entity_poly.entity_id
_entity_poly.type
_entity_poly.pdbx_seq_one_letter_code
_entity_poly.pdbx_strand_id
1 'polypeptide(L)'
;MRGSHHHHHHGSMRFAIVVTGPAYGTQQASSAFQFAQALIADGHELSSVFFYREGVYNANQLTSPASDEFDLVRAWQQLN
AQHGVALNICVAAALRRGVVDETEAGRLGLASSNLQQGFTLSGLGALAEASLTCDRVVQF
;
A,D,G
2 'polypeptide(L)'
;MKRIAFVFSTAPHGTAAGREGLDALLATSALTDDLAVFFIADGVFQLLPGQKPDAVLARDYIATFKLLGLYDIEQCWVCA
ASLRERGLDPQTPFVVEATPLEADALRRELANYDVILRF
;
B,E,H
3 'polypeptide(L)'
;MLHTLHRSPWLTDFAALLRLLSEGDELLLLQDGVTAAVDGNRYLESLRNAPIKVYALNEDLIARGLTGQISNDIILIDYT
DFVRLTVKHPSQMAW
;
C,F,I
#
# COMPACT_ATOMS: atom_id res chain seq x y z
N GLY A 11 -39.07 -25.51 -10.01
CA GLY A 11 -40.21 -24.58 -10.27
C GLY A 11 -39.84 -23.13 -10.04
N SER A 12 -39.53 -22.78 -8.79
CA SER A 12 -39.14 -21.43 -8.43
C SER A 12 -37.69 -21.17 -8.82
N MET A 13 -37.42 -19.99 -9.36
CA MET A 13 -36.09 -19.60 -9.79
C MET A 13 -35.61 -18.39 -9.00
N ARG A 14 -34.30 -18.27 -8.82
CA ARG A 14 -33.73 -17.12 -8.12
C ARG A 14 -33.37 -16.05 -9.15
N PHE A 15 -34.04 -14.91 -9.06
CA PHE A 15 -33.80 -13.81 -10.00
C PHE A 15 -33.00 -12.63 -9.46
N ALA A 16 -32.24 -12.02 -10.35
CA ALA A 16 -31.46 -10.83 -10.05
C ALA A 16 -31.81 -9.90 -11.21
N ILE A 17 -32.25 -8.69 -10.90
CA ILE A 17 -32.60 -7.74 -11.95
C ILE A 17 -31.61 -6.58 -11.96
N VAL A 18 -31.21 -6.16 -13.16
CA VAL A 18 -30.28 -5.04 -13.30
C VAL A 18 -31.02 -3.87 -13.95
N VAL A 19 -31.03 -2.74 -13.27
CA VAL A 19 -31.71 -1.54 -13.77
C VAL A 19 -30.65 -0.51 -14.16
N THR A 20 -30.70 -0.06 -15.40
CA THR A 20 -29.73 0.89 -15.89
C THR A 20 -30.36 2.22 -16.34
N GLY A 21 -31.67 2.36 -16.14
CA GLY A 21 -32.36 3.59 -16.52
C GLY A 21 -32.91 4.37 -15.32
N PRO A 22 -33.13 5.69 -15.46
CA PRO A 22 -33.63 6.53 -14.36
C PRO A 22 -35.07 6.27 -13.92
N ALA A 23 -35.44 6.84 -12.78
CA ALA A 23 -36.80 6.70 -12.27
C ALA A 23 -37.73 7.37 -13.28
N TYR A 24 -37.33 8.55 -13.75
CA TYR A 24 -38.09 9.31 -14.74
C TYR A 24 -37.14 9.73 -15.86
N GLY A 25 -37.55 9.51 -17.11
CA GLY A 25 -36.70 9.86 -18.23
C GLY A 25 -36.82 8.84 -19.36
N THR A 26 -36.83 7.56 -18.99
CA THR A 26 -36.98 6.45 -19.94
C THR A 26 -37.89 5.46 -19.24
N GLN A 27 -38.34 4.44 -19.98
CA GLN A 27 -39.25 3.44 -19.42
C GLN A 27 -38.58 2.22 -18.80
N GLN A 28 -37.27 2.08 -19.01
CA GLN A 28 -36.56 0.91 -18.49
C GLN A 28 -36.82 0.55 -17.02
N ALA A 29 -36.68 1.51 -16.11
CA ALA A 29 -36.88 1.24 -14.69
C ALA A 29 -38.31 0.82 -14.40
N SER A 30 -39.26 1.42 -15.11
CA SER A 30 -40.68 1.10 -14.95
C SER A 30 -40.99 -0.32 -15.41
N SER A 31 -40.46 -0.72 -16.58
CA SER A 31 -40.72 -2.07 -17.05
C SER A 31 -40.05 -3.08 -16.14
N ALA A 32 -38.85 -2.75 -15.64
CA ALA A 32 -38.16 -3.64 -14.72
C ALA A 32 -39.02 -3.83 -13.45
N PHE A 33 -39.66 -2.76 -12.99
CA PHE A 33 -40.50 -2.85 -11.80
C PHE A 33 -41.73 -3.73 -12.07
N GLN A 34 -42.33 -3.56 -13.25
CA GLN A 34 -43.50 -4.37 -13.63
C GLN A 34 -43.07 -5.82 -13.83
N PHE A 35 -41.83 -6.01 -14.26
CA PHE A 35 -41.30 -7.35 -14.47
C PHE A 35 -41.11 -8.03 -13.11
N ALA A 36 -40.59 -7.26 -12.15
CA ALA A 36 -40.33 -7.76 -10.80
C ALA A 36 -41.63 -8.22 -10.13
N GLN A 37 -42.67 -7.42 -10.26
CA GLN A 37 -43.98 -7.75 -9.69
C GLN A 37 -44.53 -9.03 -10.31
N ALA A 38 -44.36 -9.14 -11.63
CA ALA A 38 -44.85 -10.31 -12.37
C ALA A 38 -44.13 -11.60 -11.99
N LEU A 39 -42.81 -11.56 -11.86
CA LEU A 39 -42.07 -12.76 -11.51
C LEU A 39 -42.40 -13.20 -10.09
N ILE A 40 -42.52 -12.23 -9.17
CA ILE A 40 -42.85 -12.56 -7.78
C ILE A 40 -44.25 -13.14 -7.71
N ALA A 41 -45.16 -12.57 -8.50
CA ALA A 41 -46.53 -13.05 -8.53
C ALA A 41 -46.58 -14.45 -9.14
N ASP A 42 -45.62 -14.79 -10.00
CA ASP A 42 -45.61 -16.11 -10.63
C ASP A 42 -44.85 -17.16 -9.80
N GLY A 43 -44.63 -16.86 -8.52
CA GLY A 43 -43.97 -17.79 -7.63
C GLY A 43 -42.45 -17.81 -7.59
N HIS A 44 -41.80 -16.93 -8.35
CA HIS A 44 -40.34 -16.91 -8.35
C HIS A 44 -39.79 -15.99 -7.26
N GLU A 45 -38.50 -16.11 -7.00
CA GLU A 45 -37.88 -15.30 -5.97
C GLU A 45 -36.99 -14.22 -6.55
N LEU A 46 -37.22 -12.99 -6.11
CA LEU A 46 -36.43 -11.86 -6.55
C LEU A 46 -35.35 -11.61 -5.52
N SER A 47 -34.19 -12.21 -5.75
CA SER A 47 -33.05 -12.08 -4.85
C SER A 47 -32.66 -10.62 -4.65
N SER A 48 -32.48 -9.89 -5.74
CA SER A 48 -32.10 -8.49 -5.63
C SER A 48 -32.21 -7.74 -6.94
N VAL A 49 -32.16 -6.41 -6.83
CA VAL A 49 -32.21 -5.53 -7.99
C VAL A 49 -30.96 -4.68 -7.87
N PHE A 50 -30.12 -4.71 -8.89
CA PHE A 50 -28.90 -3.92 -8.86
C PHE A 50 -29.08 -2.68 -9.75
N PHE A 51 -28.87 -1.50 -9.16
CA PHE A 51 -29.03 -0.26 -9.90
C PHE A 51 -27.65 0.27 -10.26
N TYR A 52 -27.42 0.43 -11.55
CA TYR A 52 -26.14 0.89 -12.07
C TYR A 52 -26.34 1.93 -13.19
N ARG A 53 -25.29 2.69 -13.51
CA ARG A 53 -25.41 3.72 -14.55
C ARG A 53 -26.53 4.68 -14.14
N GLU A 54 -27.36 5.12 -15.10
CA GLU A 54 -28.47 6.02 -14.77
C GLU A 54 -29.49 5.37 -13.82
N GLY A 55 -29.36 4.06 -13.63
CA GLY A 55 -30.26 3.37 -12.73
C GLY A 55 -30.20 3.87 -11.29
N VAL A 56 -29.07 4.49 -10.91
CA VAL A 56 -28.92 4.99 -9.54
C VAL A 56 -29.94 6.07 -9.17
N TYR A 57 -30.48 6.78 -10.16
CA TYR A 57 -31.47 7.82 -9.90
C TYR A 57 -32.73 7.27 -9.26
N ASN A 58 -32.94 5.96 -9.39
CA ASN A 58 -34.11 5.33 -8.78
C ASN A 58 -34.03 5.42 -7.25
N ALA A 59 -32.84 5.74 -6.72
CA ALA A 59 -32.68 5.86 -5.28
C ALA A 59 -32.62 7.33 -4.82
N ASN A 60 -32.94 8.27 -5.71
CA ASN A 60 -32.93 9.69 -5.34
C ASN A 60 -34.20 10.03 -4.57
N GLN A 61 -34.06 10.17 -3.27
CA GLN A 61 -35.18 10.47 -2.36
C GLN A 61 -35.94 11.75 -2.72
N LEU A 62 -35.25 12.73 -3.28
CA LEU A 62 -35.88 14.01 -3.60
C LEU A 62 -36.79 13.96 -4.83
N THR A 63 -36.83 12.83 -5.53
CA THR A 63 -37.68 12.68 -6.71
C THR A 63 -39.12 13.06 -6.37
N SER A 64 -39.70 14.00 -7.12
CA SER A 64 -41.05 14.47 -6.82
C SER A 64 -42.00 14.46 -7.99
N PRO A 65 -42.62 13.30 -8.28
CA PRO A 65 -43.56 13.23 -9.39
C PRO A 65 -44.86 13.95 -9.05
N ALA A 66 -45.65 14.28 -10.07
CA ALA A 66 -46.94 14.92 -9.86
C ALA A 66 -47.80 13.91 -9.12
N SER A 67 -48.88 14.36 -8.50
CA SER A 67 -49.76 13.47 -7.76
C SER A 67 -50.43 12.42 -8.66
N ASP A 68 -50.56 12.71 -9.95
CA ASP A 68 -51.19 11.75 -10.86
C ASP A 68 -50.15 10.95 -11.67
N GLU A 69 -48.89 10.99 -11.24
CA GLU A 69 -47.83 10.24 -11.92
C GLU A 69 -47.32 9.15 -10.98
N PHE A 70 -46.93 8.01 -11.53
CA PHE A 70 -46.44 6.90 -10.70
C PHE A 70 -45.18 7.26 -9.94
N ASP A 71 -45.20 7.01 -8.63
CA ASP A 71 -44.06 7.31 -7.76
C ASP A 71 -43.16 6.07 -7.71
N LEU A 72 -42.33 5.90 -8.73
CA LEU A 72 -41.46 4.74 -8.84
C LEU A 72 -40.48 4.56 -7.68
N VAL A 73 -39.86 5.65 -7.24
CA VAL A 73 -38.90 5.59 -6.15
C VAL A 73 -39.52 4.94 -4.91
N ARG A 74 -40.75 5.31 -4.56
CA ARG A 74 -41.38 4.70 -3.40
C ARG A 74 -41.85 3.31 -3.74
N ALA A 75 -42.15 3.08 -5.02
CA ALA A 75 -42.59 1.76 -5.43
C ALA A 75 -41.45 0.79 -5.11
N TRP A 76 -40.22 1.18 -5.43
CA TRP A 76 -39.06 0.34 -5.13
C TRP A 76 -38.94 0.13 -3.63
N GLN A 77 -39.05 1.21 -2.86
CA GLN A 77 -38.97 1.10 -1.41
C GLN A 77 -40.00 0.09 -0.93
N GLN A 78 -41.23 0.20 -1.42
CA GLN A 78 -42.29 -0.73 -1.03
C GLN A 78 -41.96 -2.18 -1.39
N LEU A 79 -41.29 -2.39 -2.52
CA LEU A 79 -40.92 -3.75 -2.92
C LEU A 79 -39.95 -4.32 -1.90
N ASN A 80 -39.04 -3.49 -1.42
CA ASN A 80 -38.08 -3.94 -0.42
C ASN A 80 -38.80 -4.23 0.90
N ALA A 81 -39.67 -3.32 1.31
CA ALA A 81 -40.41 -3.45 2.56
C ALA A 81 -41.36 -4.65 2.60
N GLN A 82 -42.09 -4.87 1.51
CA GLN A 82 -43.05 -5.96 1.45
C GLN A 82 -42.51 -7.34 1.09
N HIS A 83 -41.53 -7.41 0.19
CA HIS A 83 -40.99 -8.69 -0.24
C HIS A 83 -39.53 -8.92 0.12
N GLY A 84 -38.96 -8.03 0.92
CA GLY A 84 -37.57 -8.19 1.33
C GLY A 84 -36.54 -8.17 0.22
N VAL A 85 -36.88 -7.62 -0.95
CA VAL A 85 -35.93 -7.56 -2.05
C VAL A 85 -34.82 -6.55 -1.77
N ALA A 86 -33.58 -6.99 -1.92
CA ALA A 86 -32.44 -6.11 -1.70
C ALA A 86 -32.26 -5.16 -2.88
N LEU A 87 -32.20 -3.87 -2.60
CA LEU A 87 -32.03 -2.85 -3.63
C LEU A 87 -30.61 -2.31 -3.51
N ASN A 88 -29.71 -2.82 -4.35
CA ASN A 88 -28.30 -2.44 -4.32
C ASN A 88 -27.93 -1.38 -5.34
N ILE A 89 -27.34 -0.29 -4.86
CA ILE A 89 -26.93 0.83 -5.71
C ILE A 89 -25.40 0.95 -5.74
N CYS A 90 -24.83 0.97 -6.95
CA CYS A 90 -23.38 1.10 -7.05
C CYS A 90 -22.95 2.45 -6.51
N VAL A 91 -22.20 2.45 -5.42
CA VAL A 91 -21.75 3.68 -4.79
C VAL A 91 -21.02 4.65 -5.71
N ALA A 92 -20.09 4.14 -6.51
CA ALA A 92 -19.32 4.97 -7.41
C ALA A 92 -20.19 5.62 -8.48
N ALA A 93 -21.08 4.83 -9.08
CA ALA A 93 -21.98 5.37 -10.10
C ALA A 93 -22.91 6.41 -9.48
N ALA A 94 -23.34 6.18 -8.25
CA ALA A 94 -24.24 7.09 -7.55
C ALA A 94 -23.51 8.41 -7.22
N LEU A 95 -22.26 8.30 -6.76
CA LEU A 95 -21.45 9.48 -6.44
C LEU A 95 -21.32 10.40 -7.64
N ARG A 96 -20.96 9.82 -8.78
CA ARG A 96 -20.79 10.58 -10.01
C ARG A 96 -22.07 11.28 -10.46
N ARG A 97 -23.21 10.77 -10.01
CA ARG A 97 -24.50 11.35 -10.40
C ARG A 97 -25.25 12.05 -9.26
N GLY A 98 -24.55 12.34 -8.16
CA GLY A 98 -25.19 13.06 -7.07
C GLY A 98 -26.25 12.38 -6.24
N VAL A 99 -26.08 11.09 -5.98
CA VAL A 99 -26.99 10.34 -5.13
C VAL A 99 -26.06 9.80 -4.03
N VAL A 100 -26.19 10.35 -2.82
CA VAL A 100 -25.35 9.96 -1.70
C VAL A 100 -26.16 9.83 -0.43
N ASP A 101 -25.65 9.03 0.52
CA ASP A 101 -26.34 8.89 1.78
C ASP A 101 -25.71 9.84 2.81
N GLU A 102 -26.30 9.91 4.00
CA GLU A 102 -25.81 10.81 5.03
C GLU A 102 -24.33 10.65 5.37
N THR A 103 -23.88 9.42 5.54
CA THR A 103 -22.49 9.16 5.87
C THR A 103 -21.54 9.67 4.79
N GLU A 104 -21.83 9.37 3.53
CA GLU A 104 -21.00 9.84 2.42
C GLU A 104 -20.98 11.36 2.38
N ALA A 105 -22.14 11.98 2.61
CA ALA A 105 -22.22 13.44 2.59
C ALA A 105 -21.30 14.04 3.66
N GLY A 106 -21.23 13.38 4.81
CA GLY A 106 -20.37 13.85 5.89
C GLY A 106 -18.91 13.81 5.48
N ARG A 107 -18.47 12.74 4.83
CA ARG A 107 -17.09 12.63 4.39
C ARG A 107 -16.79 13.63 3.29
N LEU A 108 -17.77 13.87 2.43
CA LEU A 108 -17.59 14.79 1.31
C LEU A 108 -17.80 16.24 1.68
N GLY A 109 -18.22 16.49 2.91
CA GLY A 109 -18.46 17.85 3.36
C GLY A 109 -19.73 18.48 2.79
N LEU A 110 -20.65 17.64 2.32
CA LEU A 110 -21.91 18.13 1.74
C LEU A 110 -22.93 18.37 2.85
N ALA A 111 -23.75 19.41 2.67
CA ALA A 111 -24.75 19.79 3.67
C ALA A 111 -25.98 18.90 3.75
N SER A 112 -26.17 18.03 2.77
CA SER A 112 -27.33 17.15 2.78
C SER A 112 -27.09 15.88 1.98
N SER A 113 -28.06 14.98 2.00
CA SER A 113 -27.95 13.71 1.29
C SER A 113 -29.31 13.39 0.67
N ASN A 114 -29.38 12.35 -0.15
CA ASN A 114 -30.64 12.05 -0.81
C ASN A 114 -30.87 10.58 -1.13
N LEU A 115 -30.28 9.67 -0.35
CA LEU A 115 -30.50 8.25 -0.62
C LEU A 115 -31.82 7.82 -0.01
N GLN A 116 -32.68 7.25 -0.85
CA GLN A 116 -33.99 6.79 -0.42
C GLN A 116 -33.92 5.59 0.53
N GLN A 117 -34.65 5.65 1.64
CA GLN A 117 -34.70 4.57 2.63
C GLN A 117 -35.16 3.31 1.91
N GLY A 118 -34.44 2.21 2.13
CA GLY A 118 -34.77 0.95 1.50
C GLY A 118 -33.69 0.51 0.53
N PHE A 119 -32.89 1.47 0.09
CA PHE A 119 -31.80 1.20 -0.85
C PHE A 119 -30.50 0.99 -0.08
N THR A 120 -29.61 0.16 -0.61
CA THR A 120 -28.34 -0.14 0.02
C THR A 120 -27.16 0.19 -0.89
N LEU A 121 -26.28 1.08 -0.44
CA LEU A 121 -25.11 1.41 -1.24
C LEU A 121 -24.24 0.16 -1.27
N SER A 122 -23.63 -0.13 -2.39
CA SER A 122 -22.77 -1.31 -2.47
C SER A 122 -21.76 -1.20 -3.59
N GLY A 123 -20.85 -2.18 -3.62
CA GLY A 123 -19.83 -2.21 -4.65
C GLY A 123 -20.32 -3.05 -5.81
N LEU A 124 -19.53 -3.07 -6.88
CA LEU A 124 -19.88 -3.85 -8.05
C LEU A 124 -19.81 -5.34 -7.74
N GLY A 125 -19.16 -5.65 -6.62
CA GLY A 125 -19.04 -7.05 -6.21
C GLY A 125 -20.40 -7.67 -6.00
N ALA A 126 -21.39 -6.84 -5.65
CA ALA A 126 -22.74 -7.36 -5.43
C ALA A 126 -23.40 -7.71 -6.77
N LEU A 127 -22.95 -7.06 -7.84
CA LEU A 127 -23.52 -7.36 -9.15
C LEU A 127 -22.97 -8.71 -9.61
N ALA A 128 -21.66 -8.86 -9.46
CA ALA A 128 -20.95 -10.08 -9.84
C ALA A 128 -21.48 -11.27 -9.05
N GLU A 129 -21.66 -11.09 -7.75
CA GLU A 129 -22.14 -12.16 -6.88
C GLU A 129 -23.55 -12.61 -7.29
N ALA A 130 -24.40 -11.66 -7.66
CA ALA A 130 -25.76 -12.00 -8.07
C ALA A 130 -25.72 -12.79 -9.39
N SER A 131 -24.83 -12.39 -10.28
CA SER A 131 -24.70 -13.03 -11.58
C SER A 131 -24.16 -14.46 -11.45
N LEU A 132 -23.27 -14.66 -10.48
CA LEU A 132 -22.66 -15.96 -10.26
C LEU A 132 -23.53 -16.94 -9.47
N THR A 133 -24.41 -16.43 -8.64
CA THR A 133 -25.24 -17.29 -7.81
C THR A 133 -26.74 -17.39 -8.12
N CYS A 134 -27.30 -16.43 -8.84
CA CYS A 134 -28.72 -16.50 -9.17
C CYS A 134 -28.96 -17.38 -10.40
N ASP A 135 -30.17 -17.91 -10.52
CA ASP A 135 -30.54 -18.76 -11.66
C ASP A 135 -30.61 -17.90 -12.94
N ARG A 136 -31.20 -16.73 -12.80
CA ARG A 136 -31.36 -15.83 -13.94
C ARG A 136 -31.03 -14.38 -13.62
N VAL A 137 -30.57 -13.67 -14.64
CA VAL A 137 -30.24 -12.26 -14.55
C VAL A 137 -30.93 -11.59 -15.74
N VAL A 138 -31.80 -10.61 -15.47
CA VAL A 138 -32.51 -9.89 -16.52
C VAL A 138 -32.15 -8.41 -16.46
N GLN A 139 -31.56 -7.91 -17.55
CA GLN A 139 -31.11 -6.53 -17.64
C GLN A 139 -32.11 -5.54 -18.25
N PHE A 140 -32.37 -4.45 -17.53
CA PHE A 140 -33.27 -3.38 -17.96
C PHE A 140 -32.52 -2.03 -17.92
N MET B 1 -22.19 -23.89 -11.82
CA MET B 1 -21.33 -22.71 -11.86
C MET B 1 -21.72 -21.88 -13.09
N LYS B 2 -21.78 -20.56 -12.92
CA LYS B 2 -22.16 -19.70 -14.03
C LYS B 2 -20.98 -19.03 -14.71
N ARG B 3 -21.07 -18.92 -16.03
CA ARG B 3 -20.03 -18.27 -16.81
C ARG B 3 -20.62 -16.91 -17.19
N ILE B 4 -19.87 -15.85 -16.95
CA ILE B 4 -20.35 -14.51 -17.25
C ILE B 4 -19.68 -13.86 -18.46
N ALA B 5 -20.50 -13.32 -19.37
CA ALA B 5 -20.00 -12.64 -20.56
C ALA B 5 -20.32 -11.15 -20.51
N PHE B 6 -19.29 -10.34 -20.74
CA PHE B 6 -19.46 -8.90 -20.77
C PHE B 6 -19.37 -8.47 -22.22
N VAL B 7 -20.39 -7.75 -22.69
CA VAL B 7 -20.40 -7.31 -24.08
C VAL B 7 -20.40 -5.79 -24.23
N PHE B 8 -19.36 -5.28 -24.86
CA PHE B 8 -19.21 -3.87 -25.12
C PHE B 8 -19.77 -3.64 -26.53
N SER B 9 -20.86 -2.88 -26.61
CA SER B 9 -21.50 -2.61 -27.88
C SER B 9 -21.66 -1.13 -28.21
N THR B 10 -21.16 -0.26 -27.35
CA THR B 10 -21.28 1.17 -27.59
C THR B 10 -19.94 1.84 -27.76
N ALA B 11 -19.93 2.94 -28.50
CA ALA B 11 -18.71 3.69 -28.74
C ALA B 11 -18.29 4.41 -27.45
N PRO B 12 -16.99 4.68 -27.30
CA PRO B 12 -16.49 5.36 -26.10
C PRO B 12 -16.72 6.86 -26.03
N HIS B 13 -16.76 7.36 -24.79
CA HIS B 13 -16.90 8.79 -24.51
C HIS B 13 -18.27 9.46 -24.72
N GLY B 14 -18.93 9.16 -25.84
CA GLY B 14 -20.24 9.75 -26.08
C GLY B 14 -21.19 9.43 -24.95
N THR B 15 -21.03 8.22 -24.40
CA THR B 15 -21.83 7.73 -23.29
C THR B 15 -20.86 7.06 -22.32
N ALA B 16 -21.19 7.02 -21.03
CA ALA B 16 -20.29 6.43 -20.04
C ALA B 16 -20.40 4.91 -19.92
N ALA B 17 -21.16 4.27 -20.80
CA ALA B 17 -21.36 2.82 -20.74
C ALA B 17 -20.07 2.00 -20.75
N GLY B 18 -19.13 2.36 -21.63
CA GLY B 18 -17.86 1.63 -21.69
C GLY B 18 -17.09 1.69 -20.38
N ARG B 19 -17.00 2.88 -19.81
CA ARG B 19 -16.29 3.10 -18.55
C ARG B 19 -16.91 2.28 -17.41
N GLU B 20 -18.23 2.37 -17.28
CA GLU B 20 -18.88 1.65 -16.20
C GLU B 20 -18.93 0.14 -16.45
N GLY B 21 -18.89 -0.23 -17.72
CA GLY B 21 -18.86 -1.65 -18.05
C GLY B 21 -17.48 -2.22 -17.67
N LEU B 22 -16.43 -1.50 -18.03
CA LEU B 22 -15.08 -1.95 -17.69
C LEU B 22 -14.95 -2.07 -16.17
N ASP B 23 -15.52 -1.13 -15.43
CA ASP B 23 -15.47 -1.19 -13.97
C ASP B 23 -16.14 -2.45 -13.46
N ALA B 24 -17.30 -2.78 -14.03
CA ALA B 24 -18.06 -3.96 -13.63
C ALA B 24 -17.29 -5.24 -14.01
N LEU B 25 -16.64 -5.19 -15.16
CA LEU B 25 -15.87 -6.32 -15.65
C LEU B 25 -14.74 -6.64 -14.68
N LEU B 26 -13.99 -5.62 -14.28
CA LEU B 26 -12.87 -5.81 -13.39
C LEU B 26 -13.29 -6.28 -12.00
N ALA B 27 -14.37 -5.76 -11.46
CA ALA B 27 -14.84 -6.19 -10.15
C ALA B 27 -15.25 -7.67 -10.21
N THR B 28 -15.84 -8.07 -11.33
CA THR B 28 -16.28 -9.45 -11.49
C THR B 28 -15.09 -10.40 -11.63
N SER B 29 -14.07 -9.94 -12.34
CA SER B 29 -12.88 -10.77 -12.56
C SER B 29 -12.25 -11.18 -11.24
N ALA B 30 -12.50 -10.41 -10.19
CA ALA B 30 -11.94 -10.71 -8.87
C ALA B 30 -12.68 -11.85 -8.18
N LEU B 31 -13.85 -12.20 -8.68
CA LEU B 31 -14.64 -13.26 -8.07
C LEU B 31 -14.73 -14.53 -8.91
N THR B 32 -14.21 -14.48 -10.14
CA THR B 32 -14.28 -15.65 -11.01
C THR B 32 -13.34 -15.56 -12.19
N ASP B 33 -12.89 -16.71 -12.66
CA ASP B 33 -12.00 -16.77 -13.81
C ASP B 33 -12.82 -17.11 -15.04
N ASP B 34 -14.06 -17.56 -14.80
CA ASP B 34 -14.97 -17.95 -15.87
C ASP B 34 -15.74 -16.77 -16.46
N LEU B 35 -15.04 -15.86 -17.13
CA LEU B 35 -15.68 -14.72 -17.76
C LEU B 35 -15.01 -14.41 -19.08
N ALA B 36 -15.76 -13.81 -19.98
CA ALA B 36 -15.24 -13.46 -21.30
C ALA B 36 -15.72 -12.08 -21.68
N VAL B 37 -15.01 -11.44 -22.60
CA VAL B 37 -15.41 -10.11 -23.04
C VAL B 37 -15.54 -10.09 -24.56
N PHE B 38 -16.67 -9.56 -25.01
CA PHE B 38 -16.99 -9.45 -26.43
C PHE B 38 -17.14 -7.99 -26.83
N PHE B 39 -16.51 -7.63 -27.94
CA PHE B 39 -16.60 -6.28 -28.46
C PHE B 39 -17.35 -6.37 -29.80
N ILE B 40 -18.59 -5.90 -29.79
CA ILE B 40 -19.45 -5.95 -30.97
C ILE B 40 -20.07 -4.59 -31.30
N ALA B 41 -20.60 -4.47 -32.51
CA ALA B 41 -21.22 -3.23 -32.96
C ALA B 41 -20.25 -2.07 -32.69
N ASP B 42 -20.77 -0.95 -32.17
CA ASP B 42 -19.93 0.21 -31.90
C ASP B 42 -18.89 -0.04 -30.80
N GLY B 43 -19.09 -1.10 -30.01
CA GLY B 43 -18.15 -1.42 -28.97
C GLY B 43 -16.73 -1.67 -29.46
N VAL B 44 -16.57 -1.96 -30.76
CA VAL B 44 -15.24 -2.20 -31.30
C VAL B 44 -14.39 -0.94 -31.19
N PHE B 45 -15.05 0.23 -31.17
CA PHE B 45 -14.35 1.50 -31.05
C PHE B 45 -13.63 1.63 -29.69
N GLN B 46 -14.07 0.83 -28.72
CA GLN B 46 -13.46 0.85 -27.38
C GLN B 46 -11.99 0.45 -27.47
N LEU B 47 -11.69 -0.40 -28.44
CA LEU B 47 -10.35 -0.97 -28.65
C LEU B 47 -9.27 -0.11 -29.30
N LEU B 48 -9.65 0.99 -29.93
CA LEU B 48 -8.66 1.83 -30.60
C LEU B 48 -7.59 2.45 -29.72
N PRO B 49 -6.32 2.40 -30.18
CA PRO B 49 -5.20 2.95 -29.43
C PRO B 49 -5.05 4.45 -29.70
N GLY B 50 -4.30 5.14 -28.85
CA GLY B 50 -4.08 6.56 -29.03
C GLY B 50 -5.25 7.48 -28.71
N GLN B 51 -6.30 6.97 -28.08
CA GLN B 51 -7.44 7.81 -27.73
C GLN B 51 -7.04 8.83 -26.65
N LYS B 52 -7.49 10.05 -26.80
CA LYS B 52 -7.18 11.10 -25.83
C LYS B 52 -8.44 11.87 -25.46
N PRO B 53 -9.34 11.22 -24.71
CA PRO B 53 -10.62 11.82 -24.29
C PRO B 53 -10.59 13.10 -23.45
N ASP B 54 -9.46 13.42 -22.85
CA ASP B 54 -9.40 14.65 -22.06
C ASP B 54 -9.69 15.84 -22.97
N ALA B 55 -9.55 15.63 -24.28
CA ALA B 55 -9.81 16.67 -25.27
C ALA B 55 -11.28 17.10 -25.19
N VAL B 56 -12.14 16.18 -24.76
CA VAL B 56 -13.56 16.49 -24.63
C VAL B 56 -14.01 16.37 -23.18
N LEU B 57 -13.06 16.55 -22.25
CA LEU B 57 -13.32 16.51 -20.82
C LEU B 57 -13.87 15.18 -20.31
N ALA B 58 -13.55 14.09 -21.00
CA ALA B 58 -14.00 12.76 -20.61
C ALA B 58 -12.84 11.98 -19.99
N ARG B 59 -13.15 11.05 -19.09
CA ARG B 59 -12.11 10.28 -18.44
C ARG B 59 -11.40 9.32 -19.39
N ASP B 60 -10.07 9.27 -19.30
CA ASP B 60 -9.30 8.34 -20.11
C ASP B 60 -9.31 6.98 -19.42
N TYR B 61 -10.42 6.25 -19.54
CA TYR B 61 -10.54 4.94 -18.93
C TYR B 61 -10.05 3.84 -19.85
N ILE B 62 -9.72 4.20 -21.10
CA ILE B 62 -9.22 3.23 -22.08
C ILE B 62 -7.93 2.60 -21.53
N ALA B 63 -7.11 3.43 -20.90
CA ALA B 63 -5.85 2.98 -20.31
C ALA B 63 -6.11 1.79 -19.41
N THR B 64 -7.23 1.83 -18.69
CA THR B 64 -7.61 0.77 -17.76
C THR B 64 -7.81 -0.59 -18.44
N PHE B 65 -8.03 -0.60 -19.76
CA PHE B 65 -8.21 -1.86 -20.47
C PHE B 65 -6.93 -2.70 -20.36
N LYS B 66 -5.82 -2.04 -20.04
CA LYS B 66 -4.53 -2.72 -19.88
C LYS B 66 -4.59 -3.77 -18.77
N LEU B 67 -5.47 -3.55 -17.79
CA LEU B 67 -5.59 -4.48 -16.68
C LEU B 67 -6.15 -5.84 -17.10
N LEU B 68 -6.73 -5.92 -18.29
CA LEU B 68 -7.27 -7.20 -18.74
C LEU B 68 -6.09 -8.14 -19.00
N GLY B 69 -5.04 -7.62 -19.61
CA GLY B 69 -3.86 -8.43 -19.86
C GLY B 69 -3.12 -8.66 -18.55
N LEU B 70 -3.08 -7.64 -17.71
CA LEU B 70 -2.38 -7.74 -16.43
C LEU B 70 -2.95 -8.80 -15.51
N TYR B 71 -4.27 -8.86 -15.42
CA TYR B 71 -4.88 -9.81 -14.51
C TYR B 71 -5.59 -11.02 -15.10
N ASP B 72 -4.99 -11.58 -16.14
CA ASP B 72 -5.46 -12.80 -16.79
C ASP B 72 -6.90 -12.92 -17.33
N ILE B 73 -7.47 -11.82 -17.80
CA ILE B 73 -8.80 -11.87 -18.39
C ILE B 73 -8.45 -12.08 -19.86
N GLU B 74 -8.29 -13.33 -20.25
CA GLU B 74 -7.88 -13.68 -21.61
C GLU B 74 -8.94 -14.01 -22.65
N GLN B 75 -10.13 -14.42 -22.21
CA GLN B 75 -11.19 -14.73 -23.17
C GLN B 75 -11.76 -13.44 -23.75
N CYS B 76 -11.07 -12.86 -24.73
CA CYS B 76 -11.52 -11.61 -25.35
C CYS B 76 -11.71 -11.77 -26.85
N TRP B 77 -12.87 -11.32 -27.34
CA TRP B 77 -13.22 -11.41 -28.76
C TRP B 77 -13.74 -10.11 -29.35
N VAL B 78 -13.54 -9.94 -30.65
CA VAL B 78 -13.99 -8.75 -31.34
C VAL B 78 -14.71 -9.18 -32.63
N CYS B 79 -15.83 -8.53 -32.92
CA CYS B 79 -16.64 -8.85 -34.11
C CYS B 79 -15.99 -8.35 -35.40
N ALA B 80 -15.48 -9.28 -36.21
CA ALA B 80 -14.83 -8.92 -37.47
C ALA B 80 -15.79 -8.20 -38.42
N ALA B 81 -17.04 -8.66 -38.45
CA ALA B 81 -18.05 -8.04 -39.29
C ALA B 81 -18.24 -6.58 -38.89
N SER B 82 -18.32 -6.32 -37.60
CA SER B 82 -18.50 -4.94 -37.14
C SER B 82 -17.36 -4.03 -37.57
N LEU B 83 -16.12 -4.50 -37.40
CA LEU B 83 -14.95 -3.71 -37.79
C LEU B 83 -15.02 -3.34 -39.28
N ARG B 84 -15.50 -4.28 -40.11
CA ARG B 84 -15.59 -3.99 -41.54
C ARG B 84 -16.64 -2.91 -41.82
N GLU B 85 -17.81 -3.02 -41.21
CA GLU B 85 -18.87 -2.01 -41.42
C GLU B 85 -18.37 -0.62 -41.04
N ARG B 86 -17.48 -0.57 -40.06
CA ARG B 86 -16.97 0.70 -39.58
C ARG B 86 -15.69 1.19 -40.25
N GLY B 87 -15.24 0.45 -41.26
CA GLY B 87 -14.04 0.83 -41.99
C GLY B 87 -12.77 0.80 -41.16
N LEU B 88 -12.73 -0.09 -40.19
CA LEU B 88 -11.57 -0.21 -39.31
C LEU B 88 -10.62 -1.35 -39.71
N ASP B 89 -9.34 -1.01 -39.79
CA ASP B 89 -8.27 -1.94 -40.13
C ASP B 89 -8.29 -3.13 -39.14
N PRO B 90 -8.52 -4.35 -39.64
CA PRO B 90 -8.57 -5.54 -38.78
C PRO B 90 -7.22 -5.84 -38.13
N GLN B 91 -6.17 -5.21 -38.68
CA GLN B 91 -4.81 -5.40 -38.19
C GLN B 91 -4.43 -4.32 -37.18
N THR B 92 -5.39 -3.48 -36.81
CA THR B 92 -5.12 -2.42 -35.85
C THR B 92 -4.65 -3.02 -34.52
N PRO B 93 -3.59 -2.45 -33.94
CA PRO B 93 -3.08 -2.95 -32.66
C PRO B 93 -3.99 -2.48 -31.52
N PHE B 94 -5.06 -3.23 -31.28
CA PHE B 94 -6.02 -2.90 -30.23
C PHE B 94 -5.40 -2.83 -28.84
N VAL B 95 -6.07 -2.14 -27.92
CA VAL B 95 -5.57 -1.99 -26.56
C VAL B 95 -5.88 -3.24 -25.74
N VAL B 96 -6.61 -4.16 -26.36
CA VAL B 96 -6.94 -5.42 -25.72
C VAL B 96 -6.61 -6.52 -26.72
N GLU B 97 -6.08 -7.62 -26.22
CA GLU B 97 -5.71 -8.77 -27.05
C GLU B 97 -6.96 -9.54 -27.43
N ALA B 98 -7.79 -8.94 -28.27
CA ALA B 98 -9.03 -9.57 -28.69
C ALA B 98 -8.81 -10.24 -30.04
N THR B 99 -9.18 -11.50 -30.15
CA THR B 99 -9.02 -12.19 -31.42
C THR B 99 -10.34 -12.06 -32.18
N PRO B 100 -10.25 -11.68 -33.47
CA PRO B 100 -11.44 -11.50 -34.31
C PRO B 100 -12.20 -12.79 -34.59
N LEU B 101 -13.52 -12.69 -34.64
CA LEU B 101 -14.39 -13.82 -34.92
C LEU B 101 -15.44 -13.39 -35.93
N GLU B 102 -15.77 -14.29 -36.86
CA GLU B 102 -16.81 -13.97 -37.84
C GLU B 102 -18.16 -14.14 -37.14
N ALA B 103 -19.22 -13.58 -37.72
CA ALA B 103 -20.55 -13.63 -37.12
C ALA B 103 -20.92 -14.96 -36.47
N ASP B 104 -20.92 -16.02 -37.26
CA ASP B 104 -21.26 -17.37 -36.80
C ASP B 104 -20.47 -17.83 -35.57
N ALA B 105 -19.15 -17.70 -35.64
CA ALA B 105 -18.29 -18.12 -34.54
C ALA B 105 -18.55 -17.31 -33.27
N LEU B 106 -18.58 -15.98 -33.40
CA LEU B 106 -18.83 -15.13 -32.24
C LEU B 106 -20.16 -15.51 -31.60
N ARG B 107 -21.16 -15.74 -32.43
CA ARG B 107 -22.49 -16.10 -31.96
C ARG B 107 -22.46 -17.38 -31.12
N ARG B 108 -21.79 -18.41 -31.65
CA ARG B 108 -21.68 -19.68 -30.95
C ARG B 108 -20.94 -19.55 -29.62
N GLU B 109 -19.88 -18.76 -29.61
CA GLU B 109 -19.07 -18.55 -28.42
C GLU B 109 -19.89 -17.89 -27.32
N LEU B 110 -20.65 -16.85 -27.68
CA LEU B 110 -21.47 -16.12 -26.72
C LEU B 110 -22.56 -17.00 -26.11
N ALA B 111 -23.05 -17.97 -26.89
CA ALA B 111 -24.10 -18.87 -26.43
C ALA B 111 -23.61 -19.82 -25.34
N ASN B 112 -22.31 -19.83 -25.08
CA ASN B 112 -21.76 -20.70 -24.05
C ASN B 112 -21.87 -20.09 -22.66
N TYR B 113 -22.26 -18.81 -22.59
CA TYR B 113 -22.36 -18.13 -21.31
C TYR B 113 -23.74 -18.08 -20.69
N ASP B 114 -23.76 -18.13 -19.36
CA ASP B 114 -24.99 -18.15 -18.57
C ASP B 114 -25.58 -16.77 -18.34
N VAL B 115 -24.70 -15.77 -18.27
CA VAL B 115 -25.13 -14.41 -18.04
C VAL B 115 -24.47 -13.47 -19.03
N ILE B 116 -25.25 -12.56 -19.57
CA ILE B 116 -24.72 -11.59 -20.51
C ILE B 116 -25.04 -10.19 -19.99
N LEU B 117 -24.00 -9.38 -19.82
CA LEU B 117 -24.17 -8.01 -19.35
C LEU B 117 -23.69 -7.11 -20.48
N ARG B 118 -24.61 -6.31 -21.04
CA ARG B 118 -24.28 -5.43 -22.15
C ARG B 118 -24.07 -3.97 -21.75
N PHE B 119 -22.99 -3.39 -22.26
CA PHE B 119 -22.63 -2.01 -21.99
C PHE B 119 -22.37 -1.16 -23.25
N MET C 1 -31.02 -18.53 -26.15
CA MET C 1 -30.74 -17.17 -25.72
C MET C 1 -31.94 -16.28 -26.02
N LEU C 2 -32.41 -15.56 -25.00
CA LEU C 2 -33.54 -14.66 -25.18
C LEU C 2 -33.01 -13.29 -25.52
N HIS C 3 -33.37 -12.79 -26.68
CA HIS C 3 -32.95 -11.46 -27.11
C HIS C 3 -34.08 -10.50 -26.80
N THR C 4 -33.72 -9.35 -26.25
CA THR C 4 -34.67 -8.33 -25.87
C THR C 4 -34.31 -7.02 -26.55
N LEU C 5 -35.31 -6.36 -27.13
CA LEU C 5 -35.12 -5.07 -27.80
C LEU C 5 -36.09 -4.07 -27.22
N HIS C 6 -35.56 -3.10 -26.46
CA HIS C 6 -36.42 -2.09 -25.83
C HIS C 6 -36.40 -0.75 -26.57
N ARG C 7 -35.54 -0.63 -27.57
CA ARG C 7 -35.46 0.61 -28.34
C ARG C 7 -36.08 0.47 -29.73
N SER C 8 -36.37 1.62 -30.33
CA SER C 8 -36.93 1.65 -31.67
C SER C 8 -35.91 1.03 -32.62
N PRO C 9 -36.36 0.15 -33.52
CA PRO C 9 -35.43 -0.47 -34.47
C PRO C 9 -34.66 0.56 -35.29
N TRP C 10 -35.28 1.74 -35.49
CA TRP C 10 -34.66 2.82 -36.25
C TRP C 10 -33.48 3.44 -35.50
N LEU C 11 -33.43 3.24 -34.17
CA LEU C 11 -32.34 3.79 -33.35
C LEU C 11 -31.49 2.67 -32.76
N THR C 12 -31.54 1.50 -33.38
CA THR C 12 -30.78 0.34 -32.93
C THR C 12 -29.85 -0.15 -34.03
N ASP C 13 -28.71 -0.69 -33.64
CA ASP C 13 -27.78 -1.22 -34.64
C ASP C 13 -28.41 -2.55 -35.01
N PHE C 14 -29.45 -2.50 -35.84
CA PHE C 14 -30.18 -3.70 -36.23
C PHE C 14 -29.33 -4.78 -36.89
N ALA C 15 -28.40 -4.40 -37.74
CA ALA C 15 -27.53 -5.38 -38.38
C ALA C 15 -26.78 -6.16 -37.31
N ALA C 16 -26.25 -5.47 -36.30
CA ALA C 16 -25.53 -6.13 -35.23
C ALA C 16 -26.44 -7.09 -34.46
N LEU C 17 -27.70 -6.69 -34.26
CA LEU C 17 -28.64 -7.55 -33.55
C LEU C 17 -28.93 -8.83 -34.33
N LEU C 18 -29.18 -8.70 -35.63
CA LEU C 18 -29.47 -9.87 -36.46
C LEU C 18 -28.32 -10.88 -36.45
N ARG C 19 -27.09 -10.39 -36.53
CA ARG C 19 -25.91 -11.25 -36.52
C ARG C 19 -25.76 -12.13 -35.28
N LEU C 20 -26.46 -11.76 -34.20
CA LEU C 20 -26.36 -12.52 -32.94
C LEU C 20 -27.46 -13.55 -32.77
N LEU C 21 -28.44 -13.53 -33.67
CA LEU C 21 -29.55 -14.47 -33.59
C LEU C 21 -29.15 -15.85 -34.11
N SER C 22 -29.43 -16.88 -33.32
CA SER C 22 -29.12 -18.23 -33.73
C SER C 22 -30.40 -19.04 -33.64
N GLU C 23 -30.52 -20.06 -34.49
CA GLU C 23 -31.69 -20.92 -34.51
C GLU C 23 -32.06 -21.35 -33.11
N GLY C 24 -33.34 -21.26 -32.76
CA GLY C 24 -33.75 -21.65 -31.42
C GLY C 24 -33.83 -20.48 -30.46
N ASP C 25 -33.24 -19.35 -30.84
CA ASP C 25 -33.29 -18.16 -29.99
C ASP C 25 -34.68 -17.54 -30.16
N GLU C 26 -34.99 -16.59 -29.30
CA GLU C 26 -36.26 -15.90 -29.37
C GLU C 26 -36.03 -14.43 -29.10
N LEU C 27 -36.79 -13.58 -29.78
CA LEU C 27 -36.67 -12.15 -29.64
C LEU C 27 -37.95 -11.55 -29.08
N LEU C 28 -37.83 -10.83 -27.98
CA LEU C 28 -38.97 -10.16 -27.38
C LEU C 28 -38.84 -8.67 -27.59
N LEU C 29 -39.87 -8.09 -28.17
CA LEU C 29 -39.94 -6.66 -28.42
C LEU C 29 -40.70 -6.07 -27.24
N LEU C 30 -40.13 -5.06 -26.58
CA LEU C 30 -40.82 -4.40 -25.47
C LEU C 30 -40.51 -2.91 -25.48
N GLN C 31 -41.27 -2.14 -24.73
CA GLN C 31 -41.08 -0.69 -24.69
C GLN C 31 -41.14 -0.17 -26.14
N ASP C 32 -40.22 0.71 -26.54
CA ASP C 32 -40.24 1.23 -27.90
C ASP C 32 -39.94 0.19 -28.98
N GLY C 33 -39.50 -1.00 -28.55
CA GLY C 33 -39.19 -2.04 -29.51
C GLY C 33 -40.43 -2.59 -30.22
N VAL C 34 -41.59 -2.49 -29.58
CA VAL C 34 -42.80 -3.03 -30.19
C VAL C 34 -43.19 -2.40 -31.52
N THR C 35 -42.54 -1.30 -31.89
CA THR C 35 -42.84 -0.66 -33.16
C THR C 35 -42.37 -1.54 -34.32
N ALA C 36 -41.42 -2.43 -34.07
CA ALA C 36 -40.92 -3.31 -35.12
C ALA C 36 -41.93 -4.40 -35.44
N ALA C 37 -43.01 -4.46 -34.66
CA ALA C 37 -44.04 -5.47 -34.86
C ALA C 37 -45.22 -4.96 -35.69
N VAL C 38 -45.17 -3.69 -36.08
CA VAL C 38 -46.26 -3.11 -36.86
C VAL C 38 -46.26 -3.63 -38.30
N ASP C 39 -47.41 -4.15 -38.71
CA ASP C 39 -47.61 -4.71 -40.04
C ASP C 39 -47.15 -3.71 -41.10
N GLY C 40 -46.25 -4.13 -41.98
CA GLY C 40 -45.77 -3.26 -43.03
C GLY C 40 -44.56 -2.38 -42.75
N ASN C 41 -44.03 -2.37 -41.53
CA ASN C 41 -42.86 -1.53 -41.28
C ASN C 41 -41.66 -2.16 -41.95
N ARG C 42 -40.67 -1.36 -42.31
CA ARG C 42 -39.50 -1.89 -43.00
C ARG C 42 -38.56 -2.85 -42.29
N TYR C 43 -38.74 -3.05 -40.99
CA TYR C 43 -37.86 -3.97 -40.26
C TYR C 43 -38.51 -5.35 -40.08
N LEU C 44 -39.80 -5.42 -40.33
CA LEU C 44 -40.55 -6.65 -40.16
C LEU C 44 -40.03 -7.83 -41.00
N GLU C 45 -39.71 -7.58 -42.26
CA GLU C 45 -39.25 -8.65 -43.11
C GLU C 45 -37.96 -9.31 -42.61
N SER C 46 -36.98 -8.52 -42.22
CA SER C 46 -35.72 -9.07 -41.72
C SER C 46 -35.96 -9.97 -40.52
N LEU C 47 -36.91 -9.59 -39.67
CA LEU C 47 -37.26 -10.38 -38.49
C LEU C 47 -37.91 -11.70 -38.88
N ARG C 48 -38.80 -11.64 -39.87
CA ARG C 48 -39.51 -12.82 -40.34
C ARG C 48 -38.54 -13.81 -40.99
N ASN C 49 -37.52 -13.29 -41.65
CA ASN C 49 -36.54 -14.14 -42.30
C ASN C 49 -35.48 -14.67 -41.34
N ALA C 50 -35.58 -14.25 -40.08
CA ALA C 50 -34.66 -14.69 -39.04
C ALA C 50 -35.15 -16.04 -38.51
N PRO C 51 -34.22 -16.96 -38.20
CA PRO C 51 -34.51 -18.32 -37.68
C PRO C 51 -35.05 -18.35 -36.26
N ILE C 52 -35.90 -17.40 -35.89
CA ILE C 52 -36.42 -17.36 -34.54
C ILE C 52 -37.86 -16.92 -34.43
N LYS C 53 -38.41 -17.06 -33.23
CA LYS C 53 -39.77 -16.64 -32.96
C LYS C 53 -39.70 -15.25 -32.34
N VAL C 54 -40.57 -14.36 -32.78
CA VAL C 54 -40.60 -13.00 -32.27
C VAL C 54 -41.86 -12.73 -31.45
N TYR C 55 -41.65 -12.15 -30.28
CA TYR C 55 -42.73 -11.83 -29.37
C TYR C 55 -42.80 -10.32 -29.18
N ALA C 56 -43.93 -9.83 -28.70
CA ALA C 56 -44.11 -8.41 -28.46
C ALA C 56 -44.91 -8.27 -27.17
N LEU C 57 -44.45 -7.41 -26.27
CA LEU C 57 -45.13 -7.21 -24.98
C LEU C 57 -46.41 -6.42 -25.21
N ASN C 58 -47.54 -7.06 -24.92
CA ASN C 58 -48.86 -6.45 -25.10
C ASN C 58 -49.03 -5.13 -24.36
N GLU C 59 -48.53 -5.06 -23.13
CA GLU C 59 -48.64 -3.84 -22.35
C GLU C 59 -48.10 -2.63 -23.10
N ASP C 60 -46.99 -2.81 -23.79
CA ASP C 60 -46.38 -1.73 -24.55
C ASP C 60 -47.13 -1.39 -25.85
N LEU C 61 -47.83 -2.37 -26.42
CA LEU C 61 -48.60 -2.10 -27.64
C LEU C 61 -49.82 -1.28 -27.20
N ILE C 62 -50.38 -1.64 -26.06
CA ILE C 62 -51.53 -0.93 -25.51
C ILE C 62 -51.17 0.52 -25.20
N ALA C 63 -49.97 0.72 -24.64
CA ALA C 63 -49.50 2.05 -24.28
C ALA C 63 -49.32 2.94 -25.50
N ARG C 64 -48.95 2.32 -26.62
CA ARG C 64 -48.71 3.05 -27.85
C ARG C 64 -49.84 2.99 -28.88
N GLY C 65 -50.97 2.41 -28.50
CA GLY C 65 -52.11 2.30 -29.40
C GLY C 65 -51.81 1.52 -30.69
N LEU C 66 -51.15 0.38 -30.56
CA LEU C 66 -50.79 -0.41 -31.72
C LEU C 66 -51.35 -1.84 -31.71
N THR C 67 -52.18 -2.16 -30.73
CA THR C 67 -52.75 -3.50 -30.61
C THR C 67 -53.44 -4.07 -31.85
N GLY C 68 -53.99 -3.22 -32.69
CA GLY C 68 -54.66 -3.72 -33.87
C GLY C 68 -53.86 -3.65 -35.16
N GLN C 69 -52.56 -3.40 -35.07
CA GLN C 69 -51.74 -3.28 -36.27
C GLN C 69 -50.52 -4.19 -36.24
N ILE C 70 -50.59 -5.25 -35.44
CA ILE C 70 -49.47 -6.17 -35.31
C ILE C 70 -49.49 -7.29 -36.35
N SER C 71 -48.31 -7.64 -36.85
CA SER C 71 -48.19 -8.70 -37.82
C SER C 71 -48.62 -10.02 -37.19
N ASN C 72 -49.23 -10.88 -37.99
CA ASN C 72 -49.69 -12.18 -37.52
C ASN C 72 -48.53 -13.08 -37.11
N ASP C 73 -47.35 -12.80 -37.65
CA ASP C 73 -46.16 -13.59 -37.35
C ASP C 73 -45.64 -13.34 -35.93
N ILE C 74 -46.02 -12.22 -35.33
CA ILE C 74 -45.55 -11.88 -33.99
C ILE C 74 -46.50 -12.34 -32.89
N ILE C 75 -45.92 -12.96 -31.87
CA ILE C 75 -46.68 -13.50 -30.75
C ILE C 75 -46.86 -12.49 -29.61
N LEU C 76 -48.11 -12.25 -29.25
CA LEU C 76 -48.45 -11.32 -28.17
C LEU C 76 -48.40 -11.98 -26.81
N ILE C 77 -47.66 -11.37 -25.88
CA ILE C 77 -47.55 -11.90 -24.54
C ILE C 77 -47.65 -10.79 -23.52
N ASP C 78 -47.84 -11.17 -22.26
CA ASP C 78 -47.93 -10.21 -21.18
C ASP C 78 -46.68 -10.33 -20.33
N TYR C 79 -46.66 -9.64 -19.20
CA TYR C 79 -45.50 -9.69 -18.32
C TYR C 79 -45.23 -11.09 -17.77
N THR C 80 -46.29 -11.81 -17.42
CA THR C 80 -46.13 -13.16 -16.88
C THR C 80 -45.44 -14.07 -17.91
N ASP C 81 -45.82 -13.92 -19.18
CA ASP C 81 -45.20 -14.72 -20.25
C ASP C 81 -43.74 -14.31 -20.41
N PHE C 82 -43.49 -13.01 -20.28
CA PHE C 82 -42.15 -12.44 -20.39
C PHE C 82 -41.30 -13.18 -19.36
N VAL C 83 -41.81 -13.26 -18.13
CA VAL C 83 -41.10 -13.93 -17.06
C VAL C 83 -40.76 -15.38 -17.45
N ARG C 84 -41.77 -16.11 -17.89
CA ARG C 84 -41.57 -17.50 -18.28
C ARG C 84 -40.59 -17.64 -19.42
N LEU C 85 -40.54 -16.62 -20.26
CA LEU C 85 -39.62 -16.61 -21.39
C LEU C 85 -38.19 -16.52 -20.83
N THR C 86 -38.01 -15.76 -19.76
CA THR C 86 -36.68 -15.61 -19.17
C THR C 86 -36.33 -16.86 -18.38
N VAL C 87 -37.34 -17.58 -17.92
CA VAL C 87 -37.10 -18.83 -17.18
C VAL C 87 -36.69 -19.91 -18.20
N LYS C 88 -37.33 -19.87 -19.37
CA LYS C 88 -37.05 -20.81 -20.44
C LYS C 88 -35.62 -20.70 -20.97
N HIS C 89 -35.14 -19.48 -21.16
CA HIS C 89 -33.78 -19.25 -21.69
C HIS C 89 -32.78 -18.99 -20.56
N PRO C 90 -31.64 -19.70 -20.58
CA PRO C 90 -30.60 -19.55 -19.57
C PRO C 90 -29.92 -18.19 -19.62
N SER C 91 -29.95 -17.56 -20.78
CA SER C 91 -29.30 -16.28 -20.98
C SER C 91 -30.19 -15.22 -21.63
N GLN C 92 -29.84 -13.95 -21.46
CA GLN C 92 -30.59 -12.85 -22.04
C GLN C 92 -29.65 -11.78 -22.61
N MET C 93 -29.82 -11.45 -23.88
CA MET C 93 -29.01 -10.40 -24.52
C MET C 93 -29.98 -9.22 -24.65
N ALA C 94 -29.72 -8.16 -23.89
CA ALA C 94 -30.60 -6.99 -23.91
C ALA C 94 -30.10 -5.88 -24.82
N TRP C 95 -30.94 -5.49 -25.77
CA TRP C 95 -30.62 -4.40 -26.69
C TRP C 95 -31.55 -3.23 -26.38
N GLY D 11 37.59 -16.03 -13.77
CA GLY D 11 37.62 -14.58 -13.40
C GLY D 11 36.77 -14.27 -12.18
N SER D 12 36.94 -15.06 -11.12
CA SER D 12 36.19 -14.86 -9.89
C SER D 12 36.88 -13.87 -8.97
N MET D 13 36.12 -12.88 -8.48
CA MET D 13 36.67 -11.87 -7.60
C MET D 13 36.40 -12.19 -6.14
N ARG D 14 37.05 -11.44 -5.25
CA ARG D 14 36.89 -11.62 -3.81
C ARG D 14 35.87 -10.63 -3.28
N PHE D 15 34.78 -11.15 -2.74
CA PHE D 15 33.70 -10.33 -2.22
C PHE D 15 33.64 -10.26 -0.70
N ALA D 16 33.12 -9.13 -0.22
CA ALA D 16 32.91 -8.87 1.18
C ALA D 16 31.52 -8.28 1.21
N ILE D 17 30.64 -8.87 2.02
CA ILE D 17 29.26 -8.37 2.11
C ILE D 17 29.03 -7.76 3.48
N VAL D 18 28.37 -6.61 3.50
CA VAL D 18 28.07 -5.91 4.74
C VAL D 18 26.56 -5.91 5.00
N VAL D 19 26.19 -6.41 6.17
CA VAL D 19 24.78 -6.50 6.55
C VAL D 19 24.47 -5.56 7.70
N THR D 20 23.53 -4.63 7.48
CA THR D 20 23.13 -3.66 8.48
C THR D 20 21.66 -3.81 8.93
N GLY D 21 21.01 -4.89 8.50
CA GLY D 21 19.62 -5.10 8.88
C GLY D 21 19.44 -6.35 9.74
N PRO D 22 18.33 -6.46 10.49
CA PRO D 22 18.09 -7.63 11.35
C PRO D 22 17.71 -8.90 10.62
N ALA D 23 17.67 -10.00 11.36
CA ALA D 23 17.29 -11.28 10.78
C ALA D 23 15.80 -11.14 10.42
N TYR D 24 15.01 -10.58 11.32
CA TYR D 24 13.59 -10.34 11.06
C TYR D 24 13.29 -8.86 11.36
N GLY D 25 12.61 -8.20 10.44
CA GLY D 25 12.28 -6.79 10.65
C GLY D 25 12.29 -6.00 9.37
N THR D 26 13.31 -6.27 8.56
CA THR D 26 13.47 -5.63 7.25
C THR D 26 14.00 -6.74 6.34
N GLN D 27 13.97 -6.49 5.03
CA GLN D 27 14.42 -7.47 4.05
C GLN D 27 15.92 -7.46 3.73
N GLN D 28 16.64 -6.45 4.18
CA GLN D 28 18.07 -6.33 3.89
C GLN D 28 18.92 -7.58 4.08
N ALA D 29 18.85 -8.19 5.27
CA ALA D 29 19.64 -9.39 5.55
C ALA D 29 19.24 -10.58 4.67
N SER D 30 17.96 -10.61 4.27
CA SER D 30 17.46 -11.66 3.39
C SER D 30 18.01 -11.48 1.99
N SER D 31 18.04 -10.23 1.52
CA SER D 31 18.57 -9.94 0.20
C SER D 31 20.05 -10.28 0.17
N ALA D 32 20.76 -9.86 1.21
CA ALA D 32 22.19 -10.14 1.31
C ALA D 32 22.45 -11.64 1.22
N PHE D 33 21.61 -12.43 1.88
CA PHE D 33 21.76 -13.89 1.87
C PHE D 33 21.57 -14.44 0.45
N GLN D 34 20.49 -14.05 -0.20
CA GLN D 34 20.21 -14.51 -1.56
C GLN D 34 21.34 -14.04 -2.50
N PHE D 35 21.85 -12.84 -2.25
CA PHE D 35 22.93 -12.29 -3.07
C PHE D 35 24.19 -13.14 -2.85
N ALA D 36 24.44 -13.52 -1.60
CA ALA D 36 25.59 -14.33 -1.27
C ALA D 36 25.55 -15.66 -2.03
N GLN D 37 24.42 -16.34 -1.98
CA GLN D 37 24.25 -17.62 -2.67
C GLN D 37 24.48 -17.47 -4.18
N ALA D 38 23.97 -16.38 -4.74
CA ALA D 38 24.10 -16.12 -6.16
C ALA D 38 25.55 -15.88 -6.60
N LEU D 39 26.30 -15.10 -5.83
CA LEU D 39 27.69 -14.84 -6.19
C LEU D 39 28.54 -16.11 -6.07
N ILE D 40 28.32 -16.87 -5.00
CA ILE D 40 29.06 -18.11 -4.80
C ILE D 40 28.73 -19.08 -5.94
N ALA D 41 27.48 -19.07 -6.37
CA ALA D 41 27.05 -19.94 -7.45
C ALA D 41 27.61 -19.48 -8.80
N ASP D 42 27.92 -18.19 -8.89
CA ASP D 42 28.45 -17.63 -10.12
C ASP D 42 29.98 -17.73 -10.14
N GLY D 43 30.53 -18.58 -9.29
CA GLY D 43 31.97 -18.78 -9.25
C GLY D 43 32.86 -17.85 -8.44
N HIS D 44 32.30 -16.78 -7.89
CA HIS D 44 33.11 -15.85 -7.11
C HIS D 44 33.40 -16.35 -5.70
N GLU D 45 34.30 -15.66 -5.00
CA GLU D 45 34.63 -16.04 -3.64
C GLU D 45 34.12 -15.02 -2.63
N LEU D 46 33.33 -15.49 -1.68
CA LEU D 46 32.79 -14.62 -0.64
C LEU D 46 33.73 -14.72 0.56
N SER D 47 34.65 -13.76 0.64
CA SER D 47 35.63 -13.73 1.71
C SER D 47 34.98 -13.70 3.09
N SER D 48 34.02 -12.80 3.28
CA SER D 48 33.33 -12.70 4.55
C SER D 48 32.07 -11.86 4.48
N VAL D 49 31.32 -11.89 5.58
CA VAL D 49 30.10 -11.10 5.71
C VAL D 49 30.27 -10.36 7.02
N PHE D 50 30.26 -9.04 6.98
CA PHE D 50 30.40 -8.27 8.18
C PHE D 50 29.05 -7.75 8.64
N PHE D 51 28.70 -8.04 9.88
CA PHE D 51 27.43 -7.60 10.43
C PHE D 51 27.60 -6.48 11.46
N TYR D 52 26.98 -5.34 11.23
CA TYR D 52 27.03 -4.29 12.23
C TYR D 52 25.74 -3.50 12.25
N ARG D 53 25.62 -2.56 13.19
CA ARG D 53 24.36 -1.82 13.33
C ARG D 53 23.30 -2.91 13.62
N GLU D 54 22.08 -2.77 13.09
CA GLU D 54 21.05 -3.79 13.34
C GLU D 54 21.40 -5.18 12.78
N GLY D 55 22.42 -5.25 11.92
CA GLY D 55 22.82 -6.52 11.36
C GLY D 55 23.30 -7.54 12.37
N VAL D 56 23.67 -7.08 13.56
CA VAL D 56 24.15 -8.00 14.59
C VAL D 56 23.07 -8.96 15.10
N TYR D 57 21.79 -8.64 14.86
CA TYR D 57 20.70 -9.49 15.30
C TYR D 57 20.71 -10.84 14.58
N ASN D 58 21.39 -10.88 13.43
CA ASN D 58 21.51 -12.11 12.65
C ASN D 58 22.29 -13.18 13.39
N ALA D 59 22.98 -12.78 14.46
CA ALA D 59 23.77 -13.71 15.25
C ALA D 59 23.07 -14.09 16.55
N ASN D 60 21.83 -13.69 16.73
CA ASN D 60 21.11 -14.04 17.95
C ASN D 60 20.61 -15.47 17.77
N GLN D 61 21.21 -16.37 18.53
CA GLN D 61 20.88 -17.79 18.49
C GLN D 61 19.45 -18.11 18.96
N LEU D 62 18.85 -17.20 19.72
CA LEU D 62 17.51 -17.43 20.23
C LEU D 62 16.39 -17.09 19.24
N THR D 63 16.77 -16.58 18.07
CA THR D 63 15.79 -16.20 17.04
C THR D 63 14.93 -17.43 16.73
N SER D 64 13.63 -17.28 16.87
CA SER D 64 12.72 -18.41 16.66
C SER D 64 11.61 -18.18 15.66
N PRO D 65 11.90 -18.32 14.37
CA PRO D 65 10.83 -18.11 13.39
C PRO D 65 9.84 -19.26 13.49
N ALA D 66 8.65 -19.08 12.93
CA ALA D 66 7.64 -20.14 12.97
C ALA D 66 8.02 -21.22 11.96
N SER D 67 7.45 -22.40 12.12
CA SER D 67 7.73 -23.54 11.23
C SER D 67 7.74 -23.19 9.74
N ASP D 68 6.81 -22.33 9.35
CA ASP D 68 6.67 -21.95 7.95
C ASP D 68 7.39 -20.68 7.53
N GLU D 69 8.27 -20.17 8.39
CA GLU D 69 9.03 -18.97 8.08
C GLU D 69 10.52 -19.31 7.93
N PHE D 70 11.18 -18.64 6.99
CA PHE D 70 12.60 -18.87 6.72
C PHE D 70 13.48 -18.62 7.94
N ASP D 71 14.30 -19.60 8.28
CA ASP D 71 15.20 -19.50 9.42
C ASP D 71 16.53 -18.92 8.92
N LEU D 72 16.61 -17.59 8.84
CA LEU D 72 17.80 -16.92 8.34
C LEU D 72 19.07 -17.11 9.18
N VAL D 73 18.95 -17.06 10.49
CA VAL D 73 20.11 -17.25 11.34
C VAL D 73 20.77 -18.60 11.03
N ARG D 74 19.94 -19.64 10.93
CA ARG D 74 20.41 -20.98 10.62
C ARG D 74 21.03 -20.99 9.23
N ALA D 75 20.42 -20.22 8.32
CA ALA D 75 20.92 -20.13 6.96
C ALA D 75 22.33 -19.54 6.96
N TRP D 76 22.56 -18.53 7.80
CA TRP D 76 23.88 -17.90 7.89
C TRP D 76 24.91 -18.92 8.40
N GLN D 77 24.52 -19.66 9.45
CA GLN D 77 25.38 -20.69 10.01
C GLN D 77 25.75 -21.70 8.93
N GLN D 78 24.73 -22.12 8.18
CA GLN D 78 24.90 -23.10 7.12
C GLN D 78 25.85 -22.58 6.04
N LEU D 79 25.86 -21.27 5.83
CA LEU D 79 26.73 -20.66 4.83
C LEU D 79 28.17 -20.79 5.29
N ASN D 80 28.38 -20.61 6.59
CA ASN D 80 29.71 -20.71 7.18
C ASN D 80 30.20 -22.15 7.13
N ALA D 81 29.32 -23.07 7.51
CA ALA D 81 29.64 -24.49 7.54
C ALA D 81 29.95 -25.08 6.18
N GLN D 82 29.13 -24.73 5.19
CA GLN D 82 29.29 -25.26 3.84
C GLN D 82 30.30 -24.60 2.93
N HIS D 83 30.42 -23.27 3.01
CA HIS D 83 31.34 -22.56 2.13
C HIS D 83 32.47 -21.84 2.84
N GLY D 84 32.68 -22.17 4.11
CA GLY D 84 33.75 -21.54 4.87
C GLY D 84 33.73 -20.02 4.91
N VAL D 85 32.55 -19.43 4.75
CA VAL D 85 32.43 -17.97 4.78
C VAL D 85 32.53 -17.47 6.22
N ALA D 86 33.39 -16.48 6.44
CA ALA D 86 33.55 -15.91 7.77
C ALA D 86 32.42 -14.95 8.08
N LEU D 87 31.78 -15.16 9.23
CA LEU D 87 30.67 -14.32 9.68
C LEU D 87 31.19 -13.46 10.84
N ASN D 88 31.53 -12.20 10.55
CA ASN D 88 32.06 -11.29 11.54
C ASN D 88 31.05 -10.27 12.06
N ILE D 89 30.93 -10.19 13.38
CA ILE D 89 30.00 -9.28 14.04
C ILE D 89 30.73 -8.24 14.89
N CYS D 90 30.41 -6.97 14.69
CA CYS D 90 31.02 -5.90 15.49
C CYS D 90 30.66 -6.12 16.96
N VAL D 91 31.66 -6.45 17.77
CA VAL D 91 31.46 -6.72 19.19
C VAL D 91 30.73 -5.61 19.94
N ALA D 92 31.11 -4.36 19.70
CA ALA D 92 30.48 -3.24 20.38
C ALA D 92 29.01 -3.06 20.00
N ALA D 93 28.72 -3.15 18.71
CA ALA D 93 27.34 -3.01 18.24
C ALA D 93 26.47 -4.16 18.77
N ALA D 94 27.06 -5.33 18.91
CA ALA D 94 26.35 -6.51 19.40
C ALA D 94 26.01 -6.34 20.88
N LEU D 95 27.00 -5.90 21.67
CA LEU D 95 26.80 -5.71 23.09
C LEU D 95 25.70 -4.69 23.37
N ARG D 96 25.69 -3.59 22.64
CA ARG D 96 24.68 -2.56 22.84
C ARG D 96 23.28 -3.10 22.50
N ARG D 97 23.22 -4.12 21.65
CA ARG D 97 21.94 -4.70 21.24
C ARG D 97 21.58 -6.05 21.86
N GLY D 98 22.34 -6.46 22.87
CA GLY D 98 22.04 -7.69 23.56
C GLY D 98 22.43 -8.98 22.87
N VAL D 99 23.52 -8.95 22.12
CA VAL D 99 24.02 -10.16 21.46
C VAL D 99 25.46 -10.35 21.98
N VAL D 100 25.62 -11.29 22.89
CA VAL D 100 26.90 -11.56 23.51
C VAL D 100 27.28 -13.04 23.48
N ASP D 101 28.59 -13.30 23.60
CA ASP D 101 29.06 -14.68 23.62
C ASP D 101 29.28 -15.07 25.09
N GLU D 102 29.63 -16.32 25.32
CA GLU D 102 29.83 -16.82 26.68
C GLU D 102 30.85 -16.00 27.48
N THR D 103 31.99 -15.74 26.87
CA THR D 103 33.06 -14.98 27.52
C THR D 103 32.60 -13.60 27.94
N GLU D 104 32.01 -12.84 27.01
CA GLU D 104 31.55 -11.50 27.34
C GLU D 104 30.49 -11.54 28.42
N ALA D 105 29.64 -12.57 28.38
CA ALA D 105 28.60 -12.69 29.39
C ALA D 105 29.25 -12.83 30.77
N GLY D 106 30.30 -13.64 30.84
CA GLY D 106 31.01 -13.84 32.10
C GLY D 106 31.61 -12.55 32.62
N ARG D 107 32.26 -11.79 31.75
CA ARG D 107 32.86 -10.53 32.15
C ARG D 107 31.80 -9.52 32.55
N LEU D 108 30.64 -9.60 31.90
CA LEU D 108 29.54 -8.68 32.16
C LEU D 108 28.64 -9.12 33.30
N GLY D 109 28.87 -10.32 33.83
CA GLY D 109 28.04 -10.81 34.91
C GLY D 109 26.63 -11.23 34.47
N LEU D 110 26.49 -11.57 33.20
CA LEU D 110 25.20 -12.01 32.67
C LEU D 110 25.03 -13.51 32.91
N ALA D 111 23.79 -13.95 33.13
CA ALA D 111 23.50 -15.35 33.40
C ALA D 111 23.62 -16.29 32.20
N SER D 112 23.59 -15.74 30.99
CA SER D 112 23.70 -16.56 29.80
C SER D 112 24.16 -15.76 28.60
N SER D 113 24.28 -16.42 27.45
CA SER D 113 24.71 -15.76 26.22
C SER D 113 23.83 -16.24 25.07
N ASN D 114 23.95 -15.59 23.91
CA ASN D 114 23.12 -15.94 22.76
C ASN D 114 23.80 -15.84 21.41
N LEU D 115 25.12 -15.90 21.36
CA LEU D 115 25.83 -15.81 20.08
C LEU D 115 25.70 -17.11 19.30
N GLN D 116 25.17 -17.02 18.09
CA GLN D 116 24.97 -18.18 17.23
C GLN D 116 26.31 -18.81 16.78
N GLN D 117 26.38 -20.14 16.90
CA GLN D 117 27.58 -20.87 16.49
C GLN D 117 27.79 -20.59 15.01
N GLY D 118 29.02 -20.25 14.65
CA GLY D 118 29.31 -19.94 13.27
C GLY D 118 29.66 -18.48 13.07
N PHE D 119 29.27 -17.65 14.03
CA PHE D 119 29.54 -16.21 13.97
C PHE D 119 30.75 -15.92 14.85
N THR D 120 31.51 -14.89 14.50
CA THR D 120 32.69 -14.53 15.26
C THR D 120 32.67 -13.06 15.66
N LEU D 121 32.78 -12.78 16.96
CA LEU D 121 32.82 -11.39 17.41
C LEU D 121 34.13 -10.78 16.91
N SER D 122 34.07 -9.54 16.45
CA SER D 122 35.29 -8.90 15.97
C SER D 122 35.26 -7.38 16.07
N GLY D 123 36.41 -6.77 15.83
CA GLY D 123 36.49 -5.32 15.89
C GLY D 123 36.12 -4.72 14.56
N LEU D 124 36.02 -3.40 14.50
CA LEU D 124 35.67 -2.71 13.27
C LEU D 124 36.83 -2.83 12.27
N GLY D 125 37.99 -3.24 12.77
CA GLY D 125 39.14 -3.41 11.91
C GLY D 125 38.85 -4.43 10.82
N ALA D 126 38.04 -5.44 11.14
CA ALA D 126 37.69 -6.49 10.20
C ALA D 126 36.94 -5.90 9.01
N LEU D 127 36.17 -4.85 9.25
CA LEU D 127 35.41 -4.20 8.19
C LEU D 127 36.35 -3.41 7.28
N ALA D 128 37.32 -2.74 7.89
CA ALA D 128 38.30 -1.95 7.15
C ALA D 128 39.19 -2.86 6.30
N GLU D 129 39.66 -3.94 6.91
CA GLU D 129 40.52 -4.89 6.21
C GLU D 129 39.81 -5.43 4.98
N ALA D 130 38.52 -5.75 5.15
CA ALA D 130 37.72 -6.29 4.06
C ALA D 130 37.61 -5.27 2.95
N SER D 131 37.39 -4.01 3.33
CA SER D 131 37.25 -2.92 2.37
C SER D 131 38.54 -2.62 1.62
N LEU D 132 39.66 -2.71 2.33
CA LEU D 132 40.95 -2.42 1.73
C LEU D 132 41.54 -3.55 0.89
N THR D 133 41.19 -4.80 1.22
CA THR D 133 41.75 -5.94 0.50
C THR D 133 40.86 -6.68 -0.49
N CYS D 134 39.55 -6.66 -0.29
CA CYS D 134 38.66 -7.36 -1.21
C CYS D 134 38.49 -6.59 -2.53
N ASP D 135 38.12 -7.30 -3.58
CA ASP D 135 37.91 -6.68 -4.88
C ASP D 135 36.63 -5.87 -4.86
N ARG D 136 35.62 -6.41 -4.20
CA ARG D 136 34.32 -5.77 -4.11
C ARG D 136 33.69 -5.83 -2.72
N VAL D 137 32.91 -4.80 -2.41
CA VAL D 137 32.21 -4.72 -1.14
C VAL D 137 30.77 -4.28 -1.45
N VAL D 138 29.83 -5.17 -1.20
CA VAL D 138 28.41 -4.90 -1.44
C VAL D 138 27.72 -4.73 -0.08
N GLN D 139 27.04 -3.60 0.08
CA GLN D 139 26.37 -3.30 1.33
C GLN D 139 24.85 -3.39 1.35
N PHE D 140 24.34 -4.15 2.32
CA PHE D 140 22.91 -4.36 2.51
C PHE D 140 22.46 -3.87 3.90
N LYS E 2 43.11 0.64 -2.30
CA LYS E 2 41.71 1.06 -2.29
C LYS E 2 41.51 2.32 -1.45
N ARG E 3 40.79 3.29 -2.00
CA ARG E 3 40.52 4.53 -1.30
C ARG E 3 39.12 4.40 -0.72
N ILE E 4 38.97 4.69 0.57
CA ILE E 4 37.66 4.56 1.21
C ILE E 4 36.99 5.87 1.57
N ALA E 5 35.71 5.99 1.22
CA ALA E 5 34.94 7.19 1.50
C ALA E 5 33.81 6.90 2.49
N PHE E 6 33.73 7.73 3.53
CA PHE E 6 32.69 7.61 4.55
C PHE E 6 31.71 8.73 4.31
N VAL E 7 30.44 8.36 4.12
CA VAL E 7 29.39 9.32 3.86
C VAL E 7 28.33 9.35 4.95
N PHE E 8 28.23 10.48 5.65
CA PHE E 8 27.23 10.67 6.68
C PHE E 8 26.05 11.36 6.00
N SER E 9 24.92 10.69 5.95
CA SER E 9 23.74 11.25 5.29
C SER E 9 22.51 11.34 6.18
N THR E 10 22.64 10.97 7.46
CA THR E 10 21.50 11.01 8.36
C THR E 10 21.72 11.94 9.55
N ALA E 11 20.64 12.49 10.08
CA ALA E 11 20.73 13.39 11.22
C ALA E 11 21.15 12.61 12.46
N PRO E 12 21.80 13.29 13.41
CA PRO E 12 22.25 12.64 14.64
C PRO E 12 21.16 12.41 15.69
N HIS E 13 21.45 11.43 16.56
CA HIS E 13 20.59 11.07 17.69
C HIS E 13 19.26 10.35 17.42
N GLY E 14 18.53 10.72 16.37
CA GLY E 14 17.28 10.04 16.08
C GLY E 14 17.56 8.56 15.81
N THR E 15 18.73 8.32 15.23
CA THR E 15 19.20 6.99 14.88
C THR E 15 20.67 6.92 15.28
N ALA E 16 21.16 5.71 15.53
CA ALA E 16 22.56 5.51 15.93
C ALA E 16 23.55 5.50 14.77
N ALA E 17 23.05 5.69 13.54
CA ALA E 17 23.88 5.65 12.35
C ALA E 17 25.15 6.49 12.43
N GLY E 18 25.00 7.77 12.76
CA GLY E 18 26.15 8.65 12.87
C GLY E 18 27.19 8.17 13.86
N ARG E 19 26.75 7.78 15.05
CA ARG E 19 27.64 7.32 16.11
C ARG E 19 28.45 6.10 15.67
N GLU E 20 27.76 5.08 15.18
CA GLU E 20 28.42 3.86 14.76
C GLU E 20 29.25 4.10 13.48
N GLY E 21 28.85 5.08 12.68
CA GLY E 21 29.60 5.40 11.48
C GLY E 21 30.92 6.05 11.87
N LEU E 22 30.87 6.94 12.86
CA LEU E 22 32.07 7.62 13.33
C LEU E 22 33.04 6.60 13.91
N ASP E 23 32.54 5.62 14.64
CA ASP E 23 33.40 4.58 15.22
C ASP E 23 34.10 3.80 14.11
N ALA E 24 33.36 3.49 13.04
CA ALA E 24 33.93 2.75 11.92
C ALA E 24 34.98 3.60 11.21
N LEU E 25 34.69 4.90 11.06
CA LEU E 25 35.63 5.82 10.42
C LEU E 25 36.96 5.84 11.17
N LEU E 26 36.91 6.10 12.47
CA LEU E 26 38.11 6.15 13.28
C LEU E 26 38.90 4.85 13.28
N ALA E 27 38.20 3.72 13.26
CA ALA E 27 38.89 2.42 13.24
C ALA E 27 39.59 2.22 11.90
N THR E 28 39.03 2.79 10.84
CA THR E 28 39.62 2.67 9.52
C THR E 28 40.81 3.63 9.34
N SER E 29 40.67 4.83 9.86
CA SER E 29 41.74 5.82 9.75
C SER E 29 43.04 5.31 10.37
N ALA E 30 42.92 4.28 11.20
CA ALA E 30 44.10 3.71 11.86
C ALA E 30 44.79 2.71 10.95
N LEU E 31 44.15 2.38 9.83
CA LEU E 31 44.71 1.42 8.89
C LEU E 31 45.04 2.02 7.52
N THR E 32 44.71 3.29 7.33
CA THR E 32 44.98 3.94 6.05
C THR E 32 44.81 5.44 6.12
N ASP E 33 45.57 6.16 5.30
CA ASP E 33 45.50 7.62 5.25
C ASP E 33 44.66 8.03 4.05
N ASP E 34 44.39 7.07 3.18
CA ASP E 34 43.60 7.33 1.99
C ASP E 34 42.11 7.17 2.21
N LEU E 35 41.53 8.06 3.01
CA LEU E 35 40.10 8.03 3.27
C LEU E 35 39.56 9.44 3.34
N ALA E 36 38.29 9.60 2.98
CA ALA E 36 37.65 10.90 3.01
C ALA E 36 36.31 10.78 3.71
N VAL E 37 35.77 11.91 4.15
CA VAL E 37 34.49 11.90 4.81
C VAL E 37 33.62 12.97 4.16
N PHE E 38 32.41 12.56 3.78
CA PHE E 38 31.47 13.46 3.14
C PHE E 38 30.21 13.59 3.97
N PHE E 39 29.72 14.82 4.09
CA PHE E 39 28.50 15.08 4.84
C PHE E 39 27.46 15.57 3.84
N ILE E 40 26.48 14.70 3.53
CA ILE E 40 25.43 15.02 2.58
C ILE E 40 24.05 14.84 3.23
N ALA E 41 23.02 15.30 2.52
CA ALA E 41 21.65 15.17 3.01
C ALA E 41 21.55 15.56 4.49
N ASP E 42 20.82 14.78 5.28
CA ASP E 42 20.66 15.08 6.69
C ASP E 42 21.96 14.95 7.47
N GLY E 43 22.96 14.35 6.84
CA GLY E 43 24.25 14.20 7.48
C GLY E 43 24.92 15.52 7.84
N VAL E 44 24.51 16.61 7.20
CA VAL E 44 25.12 17.91 7.50
C VAL E 44 24.77 18.32 8.94
N PHE E 45 23.68 17.77 9.46
CA PHE E 45 23.27 18.08 10.83
C PHE E 45 24.28 17.54 11.84
N GLN E 46 25.11 16.59 11.42
CA GLN E 46 26.13 16.00 12.28
C GLN E 46 27.17 17.03 12.69
N LEU E 47 27.38 18.01 11.81
CA LEU E 47 28.38 19.06 12.00
C LEU E 47 28.05 20.23 12.92
N LEU E 48 26.78 20.43 13.24
CA LEU E 48 26.41 21.56 14.08
C LEU E 48 27.04 21.54 15.47
N PRO E 49 27.48 22.71 15.96
CA PRO E 49 28.10 22.84 17.28
C PRO E 49 27.04 23.05 18.34
N GLY E 50 27.43 22.90 19.61
CA GLY E 50 26.50 23.11 20.70
C GLY E 50 25.43 22.05 20.90
N GLN E 51 25.63 20.86 20.33
CA GLN E 51 24.67 19.78 20.50
C GLN E 51 24.78 19.18 21.90
N LYS E 52 23.65 19.03 22.59
CA LYS E 52 23.64 18.46 23.95
C LYS E 52 22.67 17.27 23.98
N PRO E 53 23.03 16.15 23.33
CA PRO E 53 22.18 14.97 23.30
C PRO E 53 21.78 14.31 24.62
N ASP E 54 22.48 14.61 25.71
CA ASP E 54 22.12 14.03 27.00
C ASP E 54 20.67 14.39 27.34
N ALA E 55 20.19 15.48 26.75
CA ALA E 55 18.82 15.95 26.97
C ALA E 55 17.80 14.89 26.54
N VAL E 56 18.20 14.02 25.61
CA VAL E 56 17.30 12.97 25.13
C VAL E 56 17.88 11.59 25.43
N LEU E 57 18.75 11.53 26.44
CA LEU E 57 19.38 10.29 26.87
C LEU E 57 20.20 9.59 25.80
N ALA E 58 20.71 10.34 24.83
CA ALA E 58 21.52 9.76 23.77
C ALA E 58 22.99 10.08 24.02
N ARG E 59 23.87 9.30 23.40
CA ARG E 59 25.30 9.49 23.57
C ARG E 59 25.86 10.75 22.92
N ASP E 60 26.64 11.52 23.68
CA ASP E 60 27.25 12.74 23.18
C ASP E 60 28.51 12.34 22.42
N TYR E 61 28.36 11.89 21.19
CA TYR E 61 29.50 11.47 20.38
C TYR E 61 29.98 12.54 19.40
N ILE E 62 29.21 13.61 19.26
CA ILE E 62 29.58 14.69 18.34
C ILE E 62 30.95 15.25 18.72
N ALA E 63 31.23 15.28 20.02
CA ALA E 63 32.51 15.79 20.50
C ALA E 63 33.63 14.97 19.88
N THR E 64 33.38 13.68 19.68
CA THR E 64 34.37 12.77 19.11
C THR E 64 34.79 13.17 17.70
N PHE E 65 33.97 13.97 17.03
CA PHE E 65 34.34 14.39 15.68
C PHE E 65 35.61 15.23 15.72
N LYS E 66 35.96 15.72 16.90
CA LYS E 66 37.15 16.54 17.06
C LYS E 66 38.42 15.74 16.81
N LEU E 67 38.36 14.44 17.07
CA LEU E 67 39.53 13.59 16.86
C LEU E 67 39.87 13.44 15.38
N LEU E 68 38.98 13.91 14.50
CA LEU E 68 39.25 13.84 13.08
C LEU E 68 40.33 14.88 12.82
N GLY E 69 40.15 16.05 13.45
CA GLY E 69 41.09 17.14 13.30
C GLY E 69 42.39 16.86 14.03
N LEU E 70 42.30 16.28 15.23
CA LEU E 70 43.48 15.97 16.02
C LEU E 70 44.26 14.79 15.42
N TYR E 71 43.64 14.11 14.46
CA TYR E 71 44.28 12.98 13.76
C TYR E 71 44.43 13.38 12.31
N ASP E 72 44.74 12.40 11.45
CA ASP E 72 44.92 12.68 10.02
C ASP E 72 43.67 13.30 9.43
N ILE E 73 42.76 12.44 8.98
CA ILE E 73 41.49 12.80 8.38
C ILE E 73 41.27 14.30 8.17
N GLU E 74 41.64 14.78 6.99
CA GLU E 74 41.46 16.20 6.67
C GLU E 74 40.54 16.35 5.47
N GLN E 75 40.49 15.32 4.64
CA GLN E 75 39.64 15.32 3.46
C GLN E 75 38.17 15.23 3.91
N CYS E 76 37.64 16.35 4.36
CA CYS E 76 36.26 16.42 4.81
C CYS E 76 35.48 17.36 3.92
N TRP E 77 34.35 16.90 3.40
CA TRP E 77 33.52 17.73 2.54
C TRP E 77 32.08 17.78 3.02
N VAL E 78 31.41 18.89 2.76
CA VAL E 78 30.01 19.06 3.13
C VAL E 78 29.24 19.53 1.90
N CYS E 79 28.03 18.98 1.71
CA CYS E 79 27.19 19.34 0.58
C CYS E 79 26.54 20.70 0.79
N ALA E 80 26.99 21.69 0.01
CA ALA E 80 26.45 23.05 0.12
C ALA E 80 24.97 23.09 -0.25
N ALA E 81 24.58 22.27 -1.23
CA ALA E 81 23.19 22.22 -1.66
C ALA E 81 22.28 21.79 -0.50
N SER E 82 22.70 20.75 0.21
CA SER E 82 21.91 20.25 1.33
C SER E 82 21.78 21.29 2.42
N LEU E 83 22.89 21.97 2.74
CA LEU E 83 22.86 23.01 3.77
C LEU E 83 21.78 24.03 3.45
N ARG E 84 21.71 24.43 2.18
CA ARG E 84 20.71 25.40 1.75
C ARG E 84 19.28 24.86 1.92
N GLU E 85 19.05 23.63 1.49
CA GLU E 85 17.73 23.00 1.63
C GLU E 85 17.26 22.98 3.08
N ARG E 86 18.19 22.78 4.00
CA ARG E 86 17.85 22.71 5.40
C ARG E 86 17.93 24.03 6.16
N GLY E 87 18.11 25.11 5.42
CA GLY E 87 18.16 26.44 6.01
C GLY E 87 19.29 26.68 6.99
N LEU E 88 20.43 26.05 6.75
CA LEU E 88 21.59 26.18 7.63
C LEU E 88 22.63 27.13 7.06
N ASP E 89 23.06 28.11 7.85
CA ASP E 89 24.07 29.08 7.44
C ASP E 89 25.35 28.38 7.01
N PRO E 90 25.80 28.62 5.77
CA PRO E 90 27.01 28.01 5.24
C PRO E 90 28.28 28.45 5.97
N GLN E 91 28.15 29.49 6.80
CA GLN E 91 29.29 30.00 7.55
C GLN E 91 29.29 29.48 8.98
N THR E 92 28.43 28.50 9.24
CA THR E 92 28.34 27.90 10.55
C THR E 92 29.69 27.33 10.96
N PRO E 93 30.13 27.61 12.19
CA PRO E 93 31.43 27.07 12.62
C PRO E 93 31.26 25.58 12.98
N PHE E 94 31.27 24.74 11.96
CA PHE E 94 31.10 23.30 12.15
C PHE E 94 32.13 22.68 13.10
N VAL E 95 31.77 21.56 13.70
CA VAL E 95 32.66 20.87 14.63
C VAL E 95 33.76 20.13 13.88
N VAL E 96 33.65 20.12 12.56
CA VAL E 96 34.64 19.48 11.70
C VAL E 96 34.98 20.47 10.61
N GLU E 97 36.27 20.55 10.26
CA GLU E 97 36.71 21.47 9.21
C GLU E 97 36.38 20.90 7.84
N ALA E 98 35.10 20.91 7.49
CA ALA E 98 34.66 20.40 6.21
C ALA E 98 34.46 21.56 5.25
N THR E 99 35.07 21.47 4.08
CA THR E 99 34.94 22.53 3.09
C THR E 99 33.76 22.21 2.18
N PRO E 100 32.83 23.17 2.03
CA PRO E 100 31.65 23.00 1.18
C PRO E 100 31.95 22.81 -0.30
N LEU E 101 31.11 22.01 -0.95
CA LEU E 101 31.23 21.75 -2.38
C LEU E 101 29.85 21.76 -2.98
N GLU E 102 29.75 22.22 -4.22
CA GLU E 102 28.47 22.25 -4.92
C GLU E 102 28.22 20.85 -5.43
N ALA E 103 26.99 20.58 -5.82
CA ALA E 103 26.59 19.26 -6.30
C ALA E 103 27.58 18.59 -7.25
N ASP E 104 27.84 19.22 -8.39
CA ASP E 104 28.76 18.67 -9.38
C ASP E 104 30.14 18.34 -8.83
N ALA E 105 30.73 19.25 -8.06
CA ALA E 105 32.05 19.04 -7.50
C ALA E 105 32.06 17.89 -6.49
N LEU E 106 31.11 17.92 -5.55
CA LEU E 106 31.04 16.88 -4.54
C LEU E 106 30.94 15.53 -5.25
N ARG E 107 30.05 15.47 -6.24
CA ARG E 107 29.84 14.25 -7.00
C ARG E 107 31.12 13.71 -7.64
N ARG E 108 31.88 14.59 -8.28
CA ARG E 108 33.12 14.16 -8.95
C ARG E 108 34.14 13.69 -7.92
N GLU E 109 34.20 14.38 -6.78
CA GLU E 109 35.14 14.02 -5.73
C GLU E 109 34.84 12.62 -5.17
N LEU E 110 33.57 12.33 -4.91
CA LEU E 110 33.20 11.02 -4.37
C LEU E 110 33.53 9.89 -5.35
N ALA E 111 33.39 10.17 -6.65
CA ALA E 111 33.66 9.17 -7.68
C ALA E 111 35.11 8.68 -7.69
N ASN E 112 35.97 9.35 -6.95
CA ASN E 112 37.38 8.95 -6.90
C ASN E 112 37.65 7.82 -5.93
N TYR E 113 36.64 7.40 -5.17
CA TYR E 113 36.85 6.34 -4.20
C TYR E 113 36.33 4.97 -4.60
N ASP E 114 37.01 3.94 -4.12
CA ASP E 114 36.68 2.55 -4.41
C ASP E 114 35.58 1.98 -3.55
N VAL E 115 35.57 2.36 -2.28
CA VAL E 115 34.58 1.88 -1.32
C VAL E 115 33.86 3.04 -0.69
N ILE E 116 32.53 2.94 -0.65
CA ILE E 116 31.72 3.99 -0.04
C ILE E 116 30.84 3.39 1.05
N LEU E 117 31.06 3.85 2.27
CA LEU E 117 30.28 3.37 3.40
C LEU E 117 29.37 4.51 3.85
N ARG E 118 28.06 4.32 3.71
CA ARG E 118 27.10 5.35 4.09
C ARG E 118 26.44 5.07 5.44
N PHE E 119 26.31 6.13 6.25
CA PHE E 119 25.70 6.02 7.57
C PHE E 119 24.62 7.07 7.77
N MET F 1 29.94 4.05 -11.02
CA MET F 1 29.42 3.80 -9.68
C MET F 1 28.05 3.15 -9.78
N LEU F 2 27.83 2.10 -8.99
CA LEU F 2 26.53 1.44 -8.98
C LEU F 2 25.76 1.94 -7.77
N HIS F 3 24.65 2.63 -8.02
CA HIS F 3 23.82 3.11 -6.93
C HIS F 3 22.74 2.07 -6.70
N THR F 4 22.44 1.79 -5.43
CA THR F 4 21.40 0.83 -5.10
C THR F 4 20.41 1.52 -4.18
N LEU F 5 19.11 1.35 -4.44
CA LEU F 5 18.07 1.95 -3.62
C LEU F 5 17.18 0.82 -3.10
N HIS F 6 17.24 0.57 -1.80
CA HIS F 6 16.45 -0.52 -1.22
C HIS F 6 15.18 -0.05 -0.53
N ARG F 7 14.97 1.26 -0.48
CA ARG F 7 13.79 1.80 0.17
C ARG F 7 12.88 2.51 -0.81
N SER F 8 11.62 2.68 -0.40
CA SER F 8 10.64 3.38 -1.20
C SER F 8 11.16 4.78 -1.49
N PRO F 9 11.00 5.26 -2.73
CA PRO F 9 11.50 6.61 -3.03
C PRO F 9 10.80 7.67 -2.19
N TRP F 10 9.57 7.38 -1.75
CA TRP F 10 8.83 8.34 -0.93
C TRP F 10 9.44 8.45 0.44
N LEU F 11 10.24 7.46 0.83
CA LEU F 11 10.88 7.44 2.13
C LEU F 11 12.39 7.63 2.02
N THR F 12 12.81 8.13 0.86
CA THR F 12 14.23 8.36 0.61
C THR F 12 14.46 9.84 0.34
N ASP F 13 15.66 10.32 0.63
CA ASP F 13 15.99 11.70 0.36
C ASP F 13 16.33 11.64 -1.14
N PHE F 14 15.30 11.58 -1.97
CA PHE F 14 15.48 11.46 -3.41
C PHE F 14 16.34 12.54 -4.06
N ALA F 15 16.13 13.79 -3.66
CA ALA F 15 16.90 14.89 -4.21
C ALA F 15 18.39 14.62 -4.01
N ALA F 16 18.75 14.15 -2.81
CA ALA F 16 20.14 13.86 -2.50
C ALA F 16 20.67 12.73 -3.34
N LEU F 17 19.83 11.73 -3.61
CA LEU F 17 20.24 10.60 -4.43
C LEU F 17 20.54 11.06 -5.86
N LEU F 18 19.63 11.85 -6.42
CA LEU F 18 19.77 12.37 -7.77
C LEU F 18 21.08 13.14 -7.96
N ARG F 19 21.43 13.98 -6.99
CA ARG F 19 22.64 14.79 -7.03
C ARG F 19 23.96 13.99 -7.10
N LEU F 20 23.92 12.72 -6.72
CA LEU F 20 25.13 11.92 -6.76
C LEU F 20 25.24 11.05 -8.01
N LEU F 21 24.23 11.13 -8.86
CA LEU F 21 24.22 10.37 -10.11
C LEU F 21 25.07 11.06 -11.18
N SER F 22 26.04 10.35 -11.74
CA SER F 22 26.88 10.91 -12.80
C SER F 22 26.71 10.06 -14.06
N GLU F 23 26.97 10.66 -15.22
CA GLU F 23 26.83 9.95 -16.49
C GLU F 23 27.61 8.64 -16.45
N GLY F 24 26.97 7.57 -16.93
CA GLY F 24 27.61 6.27 -16.92
C GLY F 24 27.30 5.45 -15.69
N ASP F 25 26.71 6.09 -14.68
CA ASP F 25 26.36 5.37 -13.47
C ASP F 25 25.12 4.54 -13.74
N GLU F 26 24.91 3.51 -12.93
CA GLU F 26 23.73 2.68 -13.09
C GLU F 26 23.03 2.61 -11.74
N LEU F 27 21.71 2.53 -11.78
CA LEU F 27 20.90 2.47 -10.56
C LEU F 27 20.11 1.18 -10.49
N LEU F 28 20.32 0.41 -9.43
CA LEU F 28 19.58 -0.83 -9.24
C LEU F 28 18.53 -0.63 -8.15
N LEU F 29 17.29 -0.92 -8.49
CA LEU F 29 16.19 -0.81 -7.54
C LEU F 29 15.94 -2.20 -6.98
N LEU F 30 15.91 -2.33 -5.67
CA LEU F 30 15.65 -3.62 -5.06
C LEU F 30 14.81 -3.46 -3.81
N GLN F 31 14.31 -4.57 -3.29
CA GLN F 31 13.47 -4.54 -2.09
C GLN F 31 12.37 -3.51 -2.36
N ASP F 32 12.12 -2.60 -1.42
CA ASP F 32 11.06 -1.61 -1.64
C ASP F 32 11.37 -0.57 -2.71
N GLY F 33 12.63 -0.52 -3.13
CA GLY F 33 13.01 0.45 -4.14
C GLY F 33 12.37 0.22 -5.50
N VAL F 34 11.94 -1.01 -5.77
CA VAL F 34 11.33 -1.31 -7.07
C VAL F 34 10.00 -0.60 -7.32
N THR F 35 9.42 -0.01 -6.28
CA THR F 35 8.16 0.70 -6.44
C THR F 35 8.39 1.91 -7.34
N ALA F 36 9.64 2.35 -7.43
CA ALA F 36 10.01 3.49 -8.24
C ALA F 36 9.98 3.15 -9.74
N ALA F 37 9.87 1.87 -10.04
CA ALA F 37 9.83 1.38 -11.42
C ALA F 37 8.42 1.28 -12.01
N VAL F 38 7.40 1.45 -11.17
CA VAL F 38 6.03 1.35 -11.65
C VAL F 38 5.65 2.46 -12.61
N ASP F 39 5.20 2.08 -13.79
CA ASP F 39 4.82 3.04 -14.80
C ASP F 39 3.80 4.03 -14.27
N GLY F 40 4.09 5.31 -14.48
CA GLY F 40 3.19 6.34 -14.04
C GLY F 40 3.43 6.89 -12.65
N ASN F 41 4.39 6.33 -11.89
CA ASN F 41 4.64 6.86 -10.54
C ASN F 41 5.37 8.18 -10.65
N ARG F 42 5.15 9.07 -9.67
CA ARG F 42 5.76 10.39 -9.71
C ARG F 42 7.28 10.50 -9.68
N TYR F 43 8.00 9.42 -9.38
CA TYR F 43 9.47 9.52 -9.36
C TYR F 43 10.10 9.01 -10.64
N LEU F 44 9.30 8.32 -11.46
CA LEU F 44 9.79 7.75 -12.71
C LEU F 44 10.44 8.76 -13.64
N GLU F 45 9.77 9.88 -13.87
CA GLU F 45 10.27 10.91 -14.75
C GLU F 45 11.68 11.39 -14.42
N SER F 46 11.93 11.69 -13.14
CA SER F 46 13.24 12.16 -12.73
C SER F 46 14.33 11.12 -12.99
N LEU F 47 13.98 9.84 -12.86
CA LEU F 47 14.96 8.79 -13.12
C LEU F 47 15.26 8.71 -14.61
N ARG F 48 14.21 8.82 -15.42
CA ARG F 48 14.34 8.77 -16.88
C ARG F 48 15.18 9.94 -17.37
N ASN F 49 15.06 11.07 -16.69
CA ASN F 49 15.79 12.28 -17.04
C ASN F 49 17.24 12.26 -16.56
N ALA F 50 17.60 11.24 -15.79
CA ALA F 50 18.97 11.12 -15.28
C ALA F 50 19.80 10.39 -16.33
N PRO F 51 21.08 10.79 -16.51
CA PRO F 51 22.02 10.20 -17.46
C PRO F 51 22.46 8.80 -17.06
N ILE F 52 21.49 7.94 -16.72
CA ILE F 52 21.84 6.60 -16.25
C ILE F 52 20.91 5.50 -16.75
N LYS F 53 21.33 4.26 -16.52
CA LYS F 53 20.51 3.11 -16.87
C LYS F 53 19.95 2.63 -15.52
N VAL F 54 18.65 2.32 -15.49
CA VAL F 54 17.99 1.88 -14.28
C VAL F 54 17.56 0.43 -14.35
N TYR F 55 17.88 -0.33 -13.31
CA TYR F 55 17.53 -1.75 -13.24
C TYR F 55 16.61 -2.00 -12.05
N ALA F 56 15.93 -3.14 -12.08
CA ALA F 56 15.02 -3.53 -11.02
C ALA F 56 15.15 -5.02 -10.79
N LEU F 57 15.33 -5.42 -9.54
CA LEU F 57 15.47 -6.83 -9.21
C LEU F 57 14.11 -7.51 -9.36
N ASN F 58 14.02 -8.41 -10.33
CA ASN F 58 12.78 -9.11 -10.63
C ASN F 58 12.18 -9.87 -9.45
N GLU F 59 13.03 -10.45 -8.61
CA GLU F 59 12.54 -11.19 -7.44
C GLU F 59 11.68 -10.29 -6.57
N ASP F 60 12.05 -9.02 -6.46
CA ASP F 60 11.30 -8.08 -5.63
C ASP F 60 10.02 -7.59 -6.30
N LEU F 61 10.01 -7.57 -7.63
CA LEU F 61 8.80 -7.18 -8.36
C LEU F 61 7.81 -8.34 -8.23
N ILE F 62 8.33 -9.56 -8.24
CA ILE F 62 7.49 -10.75 -8.11
C ILE F 62 6.86 -10.80 -6.72
N ALA F 63 7.68 -10.53 -5.71
CA ALA F 63 7.21 -10.54 -4.33
C ALA F 63 6.12 -9.50 -4.09
N ARG F 64 6.20 -8.39 -4.81
CA ARG F 64 5.23 -7.32 -4.64
C ARG F 64 4.12 -7.28 -5.69
N GLY F 65 4.07 -8.30 -6.54
CA GLY F 65 3.06 -8.36 -7.59
C GLY F 65 3.06 -7.18 -8.54
N LEU F 66 4.25 -6.73 -8.95
CA LEU F 66 4.37 -5.59 -9.85
C LEU F 66 4.99 -5.93 -11.21
N THR F 67 5.24 -7.20 -11.47
CA THR F 67 5.88 -7.62 -12.72
C THR F 67 5.32 -7.06 -14.03
N GLY F 68 4.01 -6.92 -14.13
CA GLY F 68 3.46 -6.42 -15.39
C GLY F 68 3.21 -4.92 -15.47
N GLN F 69 3.70 -4.18 -14.49
CA GLN F 69 3.47 -2.73 -14.45
C GLN F 69 4.72 -1.89 -14.47
N ILE F 70 5.82 -2.49 -14.89
CA ILE F 70 7.10 -1.81 -14.94
C ILE F 70 7.32 -1.02 -16.22
N SER F 71 7.93 0.15 -16.06
CA SER F 71 8.25 1.02 -17.18
C SER F 71 9.14 0.26 -18.16
N ASN F 72 8.97 0.52 -19.45
CA ASN F 72 9.77 -0.14 -20.47
C ASN F 72 11.23 0.33 -20.43
N ASP F 73 11.48 1.49 -19.83
CA ASP F 73 12.83 2.01 -19.75
C ASP F 73 13.68 1.26 -18.72
N ILE F 74 13.03 0.56 -17.80
CA ILE F 74 13.77 -0.15 -16.76
C ILE F 74 14.08 -1.59 -17.11
N ILE F 75 15.33 -1.99 -16.86
CA ILE F 75 15.80 -3.34 -17.14
C ILE F 75 15.59 -4.33 -15.99
N LEU F 76 14.83 -5.39 -16.26
CA LEU F 76 14.58 -6.40 -15.26
C LEU F 76 15.77 -7.37 -15.19
N ILE F 77 16.27 -7.60 -13.99
CA ILE F 77 17.40 -8.50 -13.79
C ILE F 77 17.16 -9.38 -12.57
N ASP F 78 17.92 -10.46 -12.45
CA ASP F 78 17.80 -11.34 -11.30
C ASP F 78 19.04 -11.19 -10.42
N TYR F 79 19.18 -12.03 -9.41
CA TYR F 79 20.33 -11.94 -8.50
C TYR F 79 21.67 -12.14 -9.19
N THR F 80 21.74 -13.08 -10.12
CA THR F 80 22.99 -13.33 -10.84
C THR F 80 23.42 -12.09 -11.61
N ASP F 81 22.47 -11.38 -12.22
CA ASP F 81 22.78 -10.16 -12.97
C ASP F 81 23.19 -9.08 -11.98
N PHE F 82 22.61 -9.14 -10.78
CA PHE F 82 22.90 -8.21 -9.71
C PHE F 82 24.39 -8.35 -9.38
N VAL F 83 24.83 -9.60 -9.16
CA VAL F 83 26.21 -9.88 -8.85
C VAL F 83 27.15 -9.34 -9.94
N ARG F 84 26.83 -9.64 -11.19
CA ARG F 84 27.64 -9.19 -12.32
C ARG F 84 27.65 -7.67 -12.44
N LEU F 85 26.61 -7.04 -11.92
CA LEU F 85 26.52 -5.59 -11.96
C LEU F 85 27.49 -5.03 -10.91
N THR F 86 27.66 -5.76 -9.81
CA THR F 86 28.58 -5.33 -8.76
C THR F 86 30.02 -5.60 -9.20
N VAL F 87 30.17 -6.56 -10.11
CA VAL F 87 31.48 -6.91 -10.64
C VAL F 87 31.89 -5.83 -11.63
N LYS F 88 30.93 -5.34 -12.40
CA LYS F 88 31.20 -4.30 -13.38
C LYS F 88 31.59 -2.96 -12.78
N HIS F 89 30.96 -2.60 -11.66
CA HIS F 89 31.24 -1.33 -11.00
C HIS F 89 32.19 -1.49 -9.81
N PRO F 90 33.25 -0.66 -9.76
CA PRO F 90 34.26 -0.68 -8.70
C PRO F 90 33.71 -0.29 -7.33
N SER F 91 32.73 0.61 -7.33
CA SER F 91 32.13 1.07 -6.07
C SER F 91 30.62 1.03 -6.08
N GLN F 92 30.04 1.08 -4.89
CA GLN F 92 28.59 1.06 -4.73
C GLN F 92 28.14 2.08 -3.70
N MET F 93 27.12 2.87 -4.06
CA MET F 93 26.54 3.86 -3.16
C MET F 93 25.19 3.25 -2.78
N ALA F 94 25.09 2.74 -1.56
CA ALA F 94 23.86 2.10 -1.10
C ALA F 94 22.89 3.03 -0.39
N TRP F 95 21.70 3.17 -0.96
CA TRP F 95 20.64 4.01 -0.42
C TRP F 95 19.50 3.14 0.12
N GLY G 11 -9.05 14.90 36.73
CA GLY G 11 -8.41 15.46 35.51
C GLY G 11 -7.36 14.55 34.89
N SER G 12 -6.86 13.61 35.67
CA SER G 12 -5.85 12.68 35.19
C SER G 12 -6.56 11.54 34.44
N MET G 13 -5.94 11.06 33.38
CA MET G 13 -6.54 9.99 32.60
C MET G 13 -5.71 8.72 32.61
N ARG G 14 -6.27 7.67 32.01
CA ARG G 14 -5.58 6.39 31.91
C ARG G 14 -4.89 6.29 30.56
N PHE G 15 -3.58 6.14 30.59
CA PHE G 15 -2.77 6.04 29.38
C PHE G 15 -2.20 4.66 29.13
N ALA G 16 -1.93 4.41 27.85
CA ALA G 16 -1.29 3.18 27.38
C ALA G 16 -0.29 3.71 26.36
N ILE G 17 0.96 3.27 26.47
CA ILE G 17 1.99 3.71 25.54
C ILE G 17 2.45 2.52 24.70
N VAL G 18 2.64 2.76 23.41
CA VAL G 18 3.08 1.71 22.50
C VAL G 18 4.48 2.04 22.01
N VAL G 19 5.41 1.10 22.21
CA VAL G 19 6.79 1.26 21.81
C VAL G 19 7.12 0.32 20.66
N THR G 20 7.58 0.89 19.55
CA THR G 20 7.89 0.08 18.38
C THR G 20 9.36 0.14 17.97
N GLY G 21 10.19 0.77 18.80
CA GLY G 21 11.60 0.89 18.51
C GLY G 21 12.48 0.14 19.50
N PRO G 22 13.73 -0.18 19.14
CA PRO G 22 14.64 -0.90 20.03
C PRO G 22 15.19 -0.11 21.21
N ALA G 23 15.80 -0.82 22.14
CA ALA G 23 16.39 -0.18 23.31
C ALA G 23 17.53 0.68 22.78
N TYR G 24 18.29 0.15 21.83
CA TYR G 24 19.39 0.89 21.21
C TYR G 24 19.28 0.78 19.70
N GLY G 25 19.35 1.90 19.01
CA GLY G 25 19.26 1.89 17.55
C GLY G 25 18.56 3.13 17.05
N THR G 26 17.44 3.47 17.68
CA THR G 26 16.67 4.66 17.33
C THR G 26 16.27 5.28 18.67
N GLN G 27 15.84 6.54 18.64
CA GLN G 27 15.47 7.25 19.85
C GLN G 27 14.02 7.02 20.33
N GLN G 28 13.19 6.39 19.51
CA GLN G 28 11.78 6.14 19.86
C GLN G 28 11.54 5.61 21.27
N ALA G 29 12.19 4.52 21.65
CA ALA G 29 11.97 3.96 22.99
C ALA G 29 12.41 4.92 24.08
N SER G 30 13.44 5.72 23.81
CA SER G 30 13.93 6.70 24.77
C SER G 30 12.89 7.79 24.98
N SER G 31 12.35 8.33 23.88
CA SER G 31 11.33 9.37 23.96
C SER G 31 10.14 8.83 24.73
N ALA G 32 9.75 7.60 24.41
CA ALA G 32 8.63 6.94 25.08
C ALA G 32 8.89 6.91 26.59
N PHE G 33 10.10 6.54 26.97
CA PHE G 33 10.45 6.48 28.38
C PHE G 33 10.32 7.85 29.04
N GLN G 34 10.86 8.87 28.39
CA GLN G 34 10.78 10.23 28.92
C GLN G 34 9.33 10.69 28.98
N PHE G 35 8.54 10.31 27.99
CA PHE G 35 7.13 10.68 27.98
C PHE G 35 6.42 10.00 29.15
N ALA G 36 6.71 8.73 29.38
CA ALA G 36 6.08 8.00 30.47
C ALA G 36 6.35 8.66 31.82
N GLN G 37 7.59 9.09 32.05
CA GLN G 37 7.94 9.75 33.30
C GLN G 37 7.15 11.04 33.44
N ALA G 38 7.09 11.81 32.35
CA ALA G 38 6.37 13.07 32.37
C ALA G 38 4.89 12.89 32.68
N LEU G 39 4.25 11.94 32.01
CA LEU G 39 2.82 11.74 32.25
C LEU G 39 2.56 11.27 33.68
N ILE G 40 3.45 10.47 34.23
CA ILE G 40 3.29 9.99 35.59
C ILE G 40 3.48 11.16 36.55
N ALA G 41 4.46 12.01 36.25
CA ALA G 41 4.73 13.18 37.07
C ALA G 41 3.54 14.12 37.03
N ASP G 42 2.87 14.21 35.90
CA ASP G 42 1.71 15.11 35.75
C ASP G 42 0.43 14.53 36.33
N GLY G 43 0.55 13.52 37.16
CA GLY G 43 -0.63 12.95 37.80
C GLY G 43 -1.47 11.95 37.03
N HIS G 44 -1.08 11.62 35.81
CA HIS G 44 -1.85 10.65 35.04
C HIS G 44 -1.48 9.23 35.40
N GLU G 45 -2.32 8.29 34.99
CA GLU G 45 -2.08 6.89 35.27
C GLU G 45 -1.58 6.14 34.03
N LEU G 46 -0.39 5.56 34.11
CA LEU G 46 0.15 4.80 32.99
C LEU G 46 -0.24 3.34 33.20
N SER G 47 -1.35 2.96 32.59
CA SER G 47 -1.86 1.60 32.70
C SER G 47 -0.85 0.55 32.23
N SER G 48 -0.26 0.78 31.07
CA SER G 48 0.71 -0.17 30.55
C SER G 48 1.51 0.37 29.38
N VAL G 49 2.60 -0.32 29.06
CA VAL G 49 3.41 0.03 27.91
C VAL G 49 3.44 -1.26 27.09
N PHE G 50 2.99 -1.18 25.84
CA PHE G 50 2.97 -2.35 24.98
C PHE G 50 4.15 -2.28 24.01
N PHE G 51 5.00 -3.29 24.03
CA PHE G 51 6.16 -3.35 23.16
C PHE G 51 5.90 -4.32 22.03
N TYR G 52 5.98 -3.80 20.80
CA TYR G 52 5.70 -4.61 19.62
C TYR G 52 6.73 -4.27 18.53
N ARG G 53 6.83 -5.11 17.51
CA ARG G 53 7.80 -4.87 16.43
C ARG G 53 9.20 -4.78 17.04
N GLU G 54 10.07 -3.88 16.56
CA GLU G 54 11.40 -3.83 17.16
C GLU G 54 11.36 -3.37 18.62
N GLY G 55 10.17 -3.02 19.11
CA GLY G 55 10.07 -2.58 20.49
C GLY G 55 10.34 -3.74 21.45
N VAL G 56 10.29 -4.97 20.97
CA VAL G 56 10.52 -6.13 21.83
C VAL G 56 11.96 -6.24 22.34
N TYR G 57 12.90 -5.58 21.67
CA TYR G 57 14.30 -5.63 22.08
C TYR G 57 14.49 -4.94 23.43
N ASN G 58 13.52 -4.13 23.82
CA ASN G 58 13.59 -3.43 25.11
C ASN G 58 13.51 -4.39 26.28
N ALA G 59 13.19 -5.64 26.00
CA ALA G 59 13.07 -6.65 27.06
C ALA G 59 14.22 -7.66 26.99
N ASN G 60 15.24 -7.35 26.18
CA ASN G 60 16.38 -8.24 26.06
C ASN G 60 17.31 -8.00 27.25
N GLN G 61 17.30 -8.94 28.18
CA GLN G 61 18.10 -8.86 29.38
C GLN G 61 19.61 -8.76 29.14
N LEU G 62 20.07 -9.26 27.99
CA LEU G 62 21.49 -9.24 27.66
C LEU G 62 22.01 -7.90 27.14
N THR G 63 21.12 -6.92 26.98
CA THR G 63 21.52 -5.59 26.49
C THR G 63 22.61 -5.01 27.40
N SER G 64 23.74 -4.67 26.80
CA SER G 64 24.87 -4.18 27.58
C SER G 64 25.45 -2.86 27.16
N PRO G 65 24.82 -1.74 27.56
CA PRO G 65 25.35 -0.43 27.18
C PRO G 65 26.66 -0.17 27.93
N ALA G 66 27.43 0.82 27.47
CA ALA G 66 28.68 1.16 28.15
C ALA G 66 28.32 1.84 29.47
N SER G 67 29.32 1.97 30.35
CA SER G 67 29.12 2.60 31.67
C SER G 67 28.50 3.98 31.58
N ASP G 68 28.93 4.75 30.58
CA ASP G 68 28.45 6.11 30.41
C ASP G 68 27.24 6.26 29.49
N GLU G 69 26.60 5.15 29.16
CA GLU G 69 25.41 5.18 28.29
C GLU G 69 24.18 4.77 29.10
N PHE G 70 23.05 5.41 28.82
CA PHE G 70 21.81 5.15 29.52
C PHE G 70 21.36 3.69 29.35
N ASP G 71 21.07 3.03 30.46
CA ASP G 71 20.61 1.65 30.45
C ASP G 71 19.08 1.62 30.42
N LEU G 72 18.53 1.79 29.22
CA LEU G 72 17.09 1.83 29.03
C LEU G 72 16.34 0.57 29.51
N VAL G 73 16.89 -0.60 29.23
CA VAL G 73 16.24 -1.84 29.66
C VAL G 73 16.08 -1.81 31.19
N ARG G 74 17.15 -1.43 31.87
CA ARG G 74 17.15 -1.31 33.32
C ARG G 74 16.10 -0.28 33.74
N ALA G 75 16.03 0.81 32.99
CA ALA G 75 15.07 1.89 33.28
C ALA G 75 13.63 1.40 33.18
N TRP G 76 13.31 0.60 32.16
CA TRP G 76 11.94 0.06 32.02
C TRP G 76 11.63 -0.78 33.24
N GLN G 77 12.55 -1.69 33.58
CA GLN G 77 12.35 -2.54 34.75
C GLN G 77 12.05 -1.67 35.97
N GLN G 78 12.87 -0.62 36.15
CA GLN G 78 12.73 0.32 37.25
C GLN G 78 11.36 0.99 37.26
N LEU G 79 10.83 1.28 36.07
CA LEU G 79 9.52 1.89 35.93
C LEU G 79 8.44 0.92 36.44
N ASN G 80 8.61 -0.36 36.12
CA ASN G 80 7.65 -1.39 36.54
C ASN G 80 7.70 -1.58 38.06
N ALA G 81 8.91 -1.67 38.58
CA ALA G 81 9.12 -1.88 40.00
C ALA G 81 8.64 -0.72 40.88
N GLN G 82 8.89 0.51 40.43
CA GLN G 82 8.51 1.69 41.18
C GLN G 82 7.09 2.20 41.01
N HIS G 83 6.52 2.07 39.81
CA HIS G 83 5.18 2.57 39.56
C HIS G 83 4.15 1.52 39.22
N GLY G 84 4.56 0.25 39.26
CA GLY G 84 3.61 -0.81 38.96
C GLY G 84 3.08 -0.83 37.53
N VAL G 85 3.77 -0.15 36.61
CA VAL G 85 3.34 -0.13 35.21
C VAL G 85 3.62 -1.46 34.54
N ALA G 86 2.59 -2.07 33.97
CA ALA G 86 2.74 -3.35 33.28
C ALA G 86 3.52 -3.17 31.98
N LEU G 87 4.53 -4.02 31.76
CA LEU G 87 5.34 -3.97 30.54
C LEU G 87 4.98 -5.21 29.72
N ASN G 88 4.10 -5.03 28.74
CA ASN G 88 3.64 -6.13 27.90
C ASN G 88 4.38 -6.24 26.56
N ILE G 89 4.92 -7.42 26.29
CA ILE G 89 5.66 -7.66 25.04
C ILE G 89 4.96 -8.72 24.20
N CYS G 90 4.70 -8.39 22.94
CA CYS G 90 4.05 -9.34 22.03
C CYS G 90 4.96 -10.57 21.87
N VAL G 91 4.48 -11.70 22.37
CA VAL G 91 5.26 -12.94 22.33
C VAL G 91 5.70 -13.36 20.94
N ALA G 92 4.82 -13.29 19.95
CA ALA G 92 5.18 -13.69 18.59
C ALA G 92 6.28 -12.79 18.02
N ALA G 93 6.14 -11.48 18.18
CA ALA G 93 7.16 -10.56 17.66
C ALA G 93 8.51 -10.80 18.40
N ALA G 94 8.44 -11.09 19.69
CA ALA G 94 9.65 -11.34 20.47
C ALA G 94 10.37 -12.60 19.99
N LEU G 95 9.63 -13.69 19.84
CA LEU G 95 10.20 -14.95 19.36
C LEU G 95 10.90 -14.77 18.03
N ARG G 96 10.24 -14.10 17.08
CA ARG G 96 10.82 -13.88 15.77
C ARG G 96 12.10 -13.06 15.84
N ARG G 97 12.25 -12.29 16.92
CA ARG G 97 13.43 -11.44 17.08
C ARG G 97 14.40 -11.93 18.14
N GLY G 98 14.26 -13.19 18.55
CA GLY G 98 15.17 -13.75 19.53
C GLY G 98 15.08 -13.27 20.97
N VAL G 99 13.87 -12.96 21.44
CA VAL G 99 13.67 -12.55 22.83
C VAL G 99 12.67 -13.58 23.39
N VAL G 100 13.14 -14.49 24.23
CA VAL G 100 12.31 -15.55 24.79
C VAL G 100 12.50 -15.76 26.29
N ASP G 101 11.47 -16.26 26.97
CA ASP G 101 11.59 -16.52 28.40
C ASP G 101 12.04 -17.97 28.61
N GLU G 102 12.32 -18.34 29.85
CA GLU G 102 12.78 -19.70 30.12
C GLU G 102 11.83 -20.79 29.64
N THR G 103 10.54 -20.63 29.88
CA THR G 103 9.58 -21.63 29.44
C THR G 103 9.60 -21.80 27.93
N GLU G 104 9.48 -20.70 27.19
CA GLU G 104 9.51 -20.80 25.73
C GLU G 104 10.80 -21.42 25.24
N ALA G 105 11.91 -21.06 25.87
CA ALA G 105 13.20 -21.61 25.48
C ALA G 105 13.18 -23.13 25.65
N GLY G 106 12.61 -23.59 26.76
CA GLY G 106 12.51 -25.02 27.02
C GLY G 106 11.73 -25.76 25.95
N ARG G 107 10.54 -25.26 25.64
CA ARG G 107 9.71 -25.92 24.65
C ARG G 107 10.32 -25.81 23.25
N LEU G 108 11.09 -24.77 23.01
CA LEU G 108 11.72 -24.59 21.71
C LEU G 108 13.07 -25.30 21.62
N GLY G 109 13.53 -25.84 22.74
CA GLY G 109 14.80 -26.55 22.76
C GLY G 109 16.01 -25.64 22.74
N LEU G 110 15.86 -24.42 23.25
CA LEU G 110 16.95 -23.45 23.29
C LEU G 110 17.76 -23.63 24.57
N ALA G 111 19.06 -23.36 24.50
CA ALA G 111 19.95 -23.51 25.64
C ALA G 111 19.76 -22.48 26.74
N SER G 112 19.23 -21.30 26.39
CA SER G 112 19.02 -20.25 27.38
C SER G 112 17.87 -19.32 27.00
N SER G 113 17.62 -18.31 27.84
CA SER G 113 16.56 -17.33 27.59
C SER G 113 17.12 -15.96 27.93
N ASN G 114 16.40 -14.91 27.55
CA ASN G 114 16.88 -13.55 27.78
C ASN G 114 15.79 -12.53 28.10
N LEU G 115 14.65 -12.97 28.60
CA LEU G 115 13.58 -12.04 28.93
C LEU G 115 13.88 -11.26 30.21
N GLN G 116 13.93 -9.94 30.11
CA GLN G 116 14.20 -9.09 31.27
C GLN G 116 13.10 -9.19 32.32
N GLN G 117 13.52 -9.37 33.57
CA GLN G 117 12.60 -9.43 34.70
C GLN G 117 11.83 -8.11 34.74
N GLY G 118 10.51 -8.19 34.88
CA GLY G 118 9.68 -7.00 34.92
C GLY G 118 8.80 -6.87 33.68
N PHE G 119 9.16 -7.59 32.62
CA PHE G 119 8.40 -7.59 31.38
C PHE G 119 7.48 -8.81 31.35
N THR G 120 6.32 -8.66 30.72
CA THR G 120 5.36 -9.76 30.64
C THR G 120 5.07 -10.15 29.20
N LEU G 121 5.33 -11.41 28.86
CA LEU G 121 5.06 -11.91 27.52
C LEU G 121 3.53 -11.91 27.38
N SER G 122 3.01 -11.44 26.25
CA SER G 122 1.57 -11.41 26.07
C SER G 122 1.11 -11.41 24.62
N GLY G 123 -0.18 -11.58 24.41
CA GLY G 123 -0.73 -11.60 23.08
C GLY G 123 -1.12 -10.21 22.63
N LEU G 124 -1.50 -10.08 21.36
CA LEU G 124 -1.90 -8.79 20.84
C LEU G 124 -3.23 -8.35 21.43
N GLY G 125 -3.92 -9.28 22.09
CA GLY G 125 -5.18 -8.93 22.72
C GLY G 125 -4.98 -7.86 23.79
N ALA G 126 -3.80 -7.83 24.40
CA ALA G 126 -3.54 -6.82 25.43
C ALA G 126 -3.43 -5.44 24.79
N LEU G 127 -2.95 -5.39 23.56
CA LEU G 127 -2.83 -4.12 22.86
C LEU G 127 -4.24 -3.63 22.52
N ALA G 128 -5.09 -4.56 22.09
CA ALA G 128 -6.46 -4.25 21.73
C ALA G 128 -7.24 -3.73 22.94
N GLU G 129 -7.12 -4.43 24.06
CA GLU G 129 -7.82 -4.04 25.28
C GLU G 129 -7.37 -2.67 25.78
N ALA G 130 -6.09 -2.37 25.62
CA ALA G 130 -5.56 -1.08 26.05
C ALA G 130 -6.16 0.02 25.19
N SER G 131 -6.26 -0.24 23.89
CA SER G 131 -6.81 0.74 22.95
C SER G 131 -8.30 0.94 23.17
N LEU G 132 -8.99 -0.14 23.52
CA LEU G 132 -10.43 -0.07 23.75
C LEU G 132 -10.84 0.48 25.11
N THR G 133 -9.99 0.32 26.12
CA THR G 133 -10.34 0.76 27.48
C THR G 133 -9.63 1.98 28.08
N CYS G 134 -8.44 2.31 27.60
CA CYS G 134 -7.73 3.47 28.14
C CYS G 134 -8.27 4.75 27.51
N ASP G 135 -8.11 5.86 28.19
CA ASP G 135 -8.57 7.13 27.66
C ASP G 135 -7.72 7.57 26.48
N ARG G 136 -6.42 7.27 26.56
CA ARG G 136 -5.49 7.67 25.51
C ARG G 136 -4.43 6.61 25.23
N VAL G 137 -3.99 6.57 23.97
CA VAL G 137 -2.94 5.66 23.52
C VAL G 137 -1.95 6.56 22.77
N VAL G 138 -0.67 6.47 23.12
CA VAL G 138 0.36 7.26 22.47
C VAL G 138 1.40 6.31 21.87
N GLN G 139 1.59 6.41 20.56
CA GLN G 139 2.49 5.54 19.80
C GLN G 139 3.90 6.10 19.58
N PHE G 140 4.92 5.31 19.94
CA PHE G 140 6.33 5.68 19.75
C PHE G 140 7.04 4.53 19.02
N LYS H 2 -14.61 3.16 22.32
CA LYS H 2 -13.55 3.72 21.49
C LYS H 2 -13.57 3.08 20.10
N ARG H 3 -13.40 3.91 19.07
CA ARG H 3 -13.37 3.42 17.70
C ARG H 3 -11.91 3.38 17.30
N ILE H 4 -11.47 2.23 16.78
CA ILE H 4 -10.08 2.04 16.40
C ILE H 4 -9.81 1.97 14.90
N ALA H 5 -8.86 2.78 14.46
CA ALA H 5 -8.47 2.81 13.06
C ALA H 5 -7.07 2.23 12.87
N PHE H 6 -6.93 1.34 11.91
CA PHE H 6 -5.64 0.75 11.60
C PHE H 6 -5.22 1.37 10.27
N VAL H 7 -4.01 1.94 10.24
CA VAL H 7 -3.51 2.57 9.04
C VAL H 7 -2.26 1.90 8.49
N PHE H 8 -2.38 1.35 7.28
CA PHE H 8 -1.25 0.72 6.61
C PHE H 8 -0.68 1.80 5.71
N SER H 9 0.56 2.20 5.99
CA SER H 9 1.20 3.26 5.20
C SER H 9 2.52 2.85 4.58
N THR H 10 2.93 1.61 4.77
CA THR H 10 4.21 1.14 4.23
C THR H 10 4.06 0.00 3.23
N ALA H 11 5.02 -0.10 2.31
CA ALA H 11 5.00 -1.16 1.30
C ALA H 11 5.24 -2.50 1.99
N PRO H 12 4.70 -3.59 1.40
CA PRO H 12 4.90 -4.90 2.01
C PRO H 12 6.28 -5.52 1.78
N HIS H 13 6.65 -6.43 2.68
CA HIS H 13 7.89 -7.19 2.60
C HIS H 13 9.22 -6.48 2.88
N GLY H 14 9.39 -5.25 2.42
CA GLY H 14 10.64 -4.54 2.68
C GLY H 14 10.83 -4.38 4.18
N THR H 15 9.70 -4.24 4.88
CA THR H 15 9.63 -4.09 6.33
C THR H 15 8.55 -5.08 6.80
N ALA H 16 8.62 -5.50 8.05
CA ALA H 16 7.63 -6.43 8.59
C ALA H 16 6.39 -5.71 9.13
N ALA H 17 6.36 -4.38 8.97
CA ALA H 17 5.26 -3.57 9.49
C ALA H 17 3.86 -4.01 9.06
N GLY H 18 3.69 -4.27 7.76
CA GLY H 18 2.40 -4.70 7.25
C GLY H 18 1.94 -6.01 7.87
N ARG H 19 2.85 -6.96 7.97
CA ARG H 19 2.55 -8.27 8.55
C ARG H 19 2.13 -8.16 10.02
N GLU H 20 2.91 -7.44 10.80
CA GLU H 20 2.63 -7.30 12.21
C GLU H 20 1.41 -6.40 12.44
N GLY H 21 1.20 -5.47 11.53
CA GLY H 21 0.02 -4.62 11.64
C GLY H 21 -1.24 -5.44 11.39
N LEU H 22 -1.18 -6.36 10.42
CA LEU H 22 -2.34 -7.20 10.11
C LEU H 22 -2.64 -8.11 11.31
N ASP H 23 -1.60 -8.66 11.95
CA ASP H 23 -1.82 -9.51 13.12
C ASP H 23 -2.51 -8.70 14.23
N ALA H 24 -2.12 -7.44 14.41
CA ALA H 24 -2.71 -6.58 15.44
C ALA H 24 -4.17 -6.25 15.10
N LEU H 25 -4.43 -6.02 13.81
CA LEU H 25 -5.77 -5.72 13.35
C LEU H 25 -6.71 -6.89 13.64
N LEU H 26 -6.29 -8.10 13.26
CA LEU H 26 -7.10 -9.30 13.45
C LEU H 26 -7.36 -9.58 14.94
N ALA H 27 -6.35 -9.41 15.78
CA ALA H 27 -6.54 -9.64 17.21
C ALA H 27 -7.57 -8.65 17.76
N THR H 28 -7.50 -7.42 17.28
CA THR H 28 -8.42 -6.38 17.74
C THR H 28 -9.85 -6.61 17.25
N SER H 29 -9.98 -7.07 16.01
CA SER H 29 -11.30 -7.32 15.44
C SER H 29 -12.07 -8.35 16.25
N ALA H 30 -11.35 -9.18 17.00
CA ALA H 30 -12.01 -10.21 17.81
C ALA H 30 -12.61 -9.61 19.07
N LEU H 31 -12.31 -8.34 19.36
CA LEU H 31 -12.82 -7.70 20.56
C LEU H 31 -13.74 -6.52 20.27
N THR H 32 -13.86 -6.14 19.01
CA THR H 32 -14.71 -5.02 18.66
C THR H 32 -15.07 -5.02 17.20
N ASP H 33 -16.25 -4.51 16.88
CA ASP H 33 -16.69 -4.42 15.50
C ASP H 33 -16.49 -2.97 15.07
N ASP H 34 -16.18 -2.11 16.04
CA ASP H 34 -15.98 -0.70 15.76
C ASP H 34 -14.55 -0.38 15.35
N LEU H 35 -14.12 -0.93 14.22
CA LEU H 35 -12.77 -0.64 13.73
C LEU H 35 -12.79 -0.43 12.21
N ALA H 36 -11.80 0.32 11.73
CA ALA H 36 -11.70 0.59 10.30
C ALA H 36 -10.27 0.38 9.85
N VAL H 37 -10.09 0.13 8.55
CA VAL H 37 -8.77 -0.09 7.99
C VAL H 37 -8.53 0.94 6.89
N PHE H 38 -7.39 1.61 6.94
CA PHE H 38 -7.04 2.62 5.95
C PHE H 38 -5.72 2.27 5.29
N PHE H 39 -5.71 2.35 3.96
CA PHE H 39 -4.50 2.06 3.18
C PHE H 39 -4.08 3.38 2.54
N ILE H 40 -2.98 3.94 3.03
CA ILE H 40 -2.49 5.23 2.52
C ILE H 40 -1.00 5.18 2.20
N ALA H 41 -0.50 6.22 1.53
CA ALA H 41 0.91 6.28 1.16
C ALA H 41 1.33 4.94 0.54
N ASP H 42 2.53 4.45 0.88
CA ASP H 42 2.99 3.18 0.34
C ASP H 42 2.13 2.02 0.80
N GLY H 43 1.22 2.27 1.75
CA GLY H 43 0.35 1.22 2.23
C GLY H 43 -0.54 0.65 1.13
N VAL H 44 -0.79 1.44 0.09
CA VAL H 44 -1.65 0.97 -1.00
C VAL H 44 -1.05 -0.29 -1.65
N PHE H 45 0.27 -0.43 -1.57
CA PHE H 45 0.97 -1.58 -2.13
C PHE H 45 0.60 -2.89 -1.44
N GLN H 46 0.03 -2.83 -0.25
CA GLN H 46 -0.36 -4.03 0.48
C GLN H 46 -1.53 -4.73 -0.24
N LEU H 47 -2.33 -3.92 -0.92
CA LEU H 47 -3.53 -4.38 -1.62
C LEU H 47 -3.37 -5.16 -2.92
N LEU H 48 -2.20 -5.11 -3.54
CA LEU H 48 -1.99 -5.79 -4.81
C LEU H 48 -2.12 -7.30 -4.82
N PRO H 49 -2.81 -7.82 -5.84
CA PRO H 49 -3.02 -9.26 -5.97
C PRO H 49 -1.81 -9.88 -6.67
N GLY H 50 -1.71 -11.21 -6.57
CA GLY H 50 -0.64 -11.94 -7.22
C GLY H 50 0.75 -11.82 -6.60
N GLN H 51 0.86 -11.32 -5.37
CA GLN H 51 2.16 -11.20 -4.73
C GLN H 51 2.70 -12.56 -4.32
N LYS H 52 3.97 -12.82 -4.61
CA LYS H 52 4.60 -14.09 -4.25
C LYS H 52 5.90 -13.78 -3.49
N PRO H 53 5.79 -13.31 -2.23
CA PRO H 53 6.95 -12.98 -1.42
C PRO H 53 7.96 -14.10 -1.12
N ASP H 54 7.56 -15.35 -1.35
CA ASP H 54 8.49 -16.46 -1.11
C ASP H 54 9.71 -16.27 -1.99
N ALA H 55 9.56 -15.48 -3.04
CA ALA H 55 10.65 -15.19 -3.96
C ALA H 55 11.80 -14.49 -3.23
N VAL H 56 11.49 -13.73 -2.20
CA VAL H 56 12.53 -13.04 -1.43
C VAL H 56 12.57 -13.54 0.03
N LEU H 57 12.16 -14.78 0.22
CA LEU H 57 12.17 -15.42 1.54
C LEU H 57 11.28 -14.73 2.59
N ALA H 58 10.30 -13.94 2.14
CA ALA H 58 9.41 -13.23 3.05
C ALA H 58 8.10 -13.99 3.21
N ARG H 59 7.45 -13.81 4.36
CA ARG H 59 6.19 -14.49 4.62
C ARG H 59 5.06 -14.01 3.71
N ASP H 60 4.28 -14.94 3.16
CA ASP H 60 3.16 -14.55 2.31
C ASP H 60 2.00 -14.29 3.24
N TYR H 61 1.98 -13.11 3.84
CA TYR H 61 0.92 -12.75 4.77
C TYR H 61 -0.20 -12.00 4.06
N ILE H 62 0.02 -11.66 2.79
CA ILE H 62 -0.99 -10.96 2.01
C ILE H 62 -2.26 -11.83 1.93
N ALA H 63 -2.09 -13.14 1.77
CA ALA H 63 -3.22 -14.05 1.70
C ALA H 63 -4.10 -13.87 2.93
N THR H 64 -3.47 -13.54 4.05
CA THR H 64 -4.17 -13.35 5.31
C THR H 64 -5.20 -12.21 5.27
N PHE H 65 -5.01 -11.26 4.34
CA PHE H 65 -5.95 -10.15 4.21
C PHE H 65 -7.35 -10.67 3.86
N LYS H 66 -7.44 -11.93 3.40
CA LYS H 66 -8.72 -12.54 3.06
C LYS H 66 -9.61 -12.66 4.30
N LEU H 67 -8.99 -12.74 5.47
CA LEU H 67 -9.77 -12.87 6.71
C LEU H 67 -10.57 -11.62 7.02
N LEU H 68 -10.24 -10.50 6.37
CA LEU H 68 -10.98 -9.27 6.63
C LEU H 68 -12.39 -9.48 6.07
N GLY H 69 -12.47 -9.92 4.82
CA GLY H 69 -13.77 -10.18 4.23
C GLY H 69 -14.53 -11.25 5.01
N LEU H 70 -13.86 -12.34 5.36
CA LEU H 70 -14.48 -13.44 6.10
C LEU H 70 -15.02 -13.09 7.48
N TYR H 71 -14.38 -12.13 8.16
CA TYR H 71 -14.82 -11.71 9.48
C TYR H 71 -15.72 -10.48 9.40
N ASP H 72 -16.08 -10.10 8.18
CA ASP H 72 -16.92 -8.94 7.94
C ASP H 72 -16.40 -7.63 8.50
N ILE H 73 -15.12 -7.39 8.28
CA ILE H 73 -14.49 -6.14 8.70
C ILE H 73 -14.63 -5.40 7.37
N GLU H 74 -15.71 -4.64 7.22
CA GLU H 74 -15.98 -3.97 5.95
C GLU H 74 -15.63 -2.50 5.82
N GLN H 75 -15.30 -1.82 6.93
CA GLN H 75 -14.92 -0.41 6.83
C GLN H 75 -13.46 -0.38 6.34
N CYS H 76 -13.26 -0.52 5.03
CA CYS H 76 -11.92 -0.52 4.45
C CYS H 76 -11.81 0.58 3.41
N TRP H 77 -10.78 1.41 3.55
CA TRP H 77 -10.59 2.53 2.63
C TRP H 77 -9.17 2.58 2.05
N VAL H 78 -9.06 3.10 0.84
CA VAL H 78 -7.77 3.25 0.16
C VAL H 78 -7.68 4.69 -0.35
N CYS H 79 -6.50 5.29 -0.19
CA CYS H 79 -6.26 6.66 -0.61
C CYS H 79 -6.14 6.77 -2.14
N ALA H 80 -7.11 7.42 -2.76
CA ALA H 80 -7.12 7.59 -4.22
C ALA H 80 -5.92 8.39 -4.71
N ALA H 81 -5.59 9.46 -3.97
CA ALA H 81 -4.45 10.30 -4.35
C ALA H 81 -3.15 9.50 -4.29
N SER H 82 -3.01 8.65 -3.28
CA SER H 82 -1.82 7.83 -3.14
C SER H 82 -1.66 6.87 -4.33
N LEU H 83 -2.75 6.22 -4.71
CA LEU H 83 -2.73 5.29 -5.84
C LEU H 83 -2.23 5.98 -7.12
N ARG H 84 -2.68 7.22 -7.34
CA ARG H 84 -2.27 7.97 -8.50
C ARG H 84 -0.78 8.32 -8.45
N GLU H 85 -0.28 8.71 -7.28
CA GLU H 85 1.13 9.03 -7.13
C GLU H 85 2.00 7.81 -7.47
N ARG H 86 1.47 6.63 -7.18
CA ARG H 86 2.22 5.40 -7.43
C ARG H 86 1.96 4.73 -8.78
N GLY H 87 1.19 5.39 -9.63
CA GLY H 87 0.90 4.86 -10.95
C GLY H 87 0.15 3.55 -10.94
N LEU H 88 -0.72 3.37 -9.94
CA LEU H 88 -1.51 2.15 -9.82
C LEU H 88 -2.95 2.43 -10.24
N ASP H 89 -3.49 1.61 -11.14
CA ASP H 89 -4.85 1.83 -11.61
C ASP H 89 -5.85 1.65 -10.48
N PRO H 90 -6.76 2.62 -10.35
CA PRO H 90 -7.78 2.57 -9.29
C PRO H 90 -8.76 1.41 -9.41
N GLN H 91 -8.82 0.77 -10.57
CA GLN H 91 -9.74 -0.37 -10.74
C GLN H 91 -9.03 -1.71 -10.55
N THR H 92 -7.82 -1.66 -9.98
CA THR H 92 -7.07 -2.87 -9.71
C THR H 92 -7.90 -3.72 -8.76
N PRO H 93 -8.04 -5.03 -9.04
CA PRO H 93 -8.81 -5.92 -8.17
C PRO H 93 -8.02 -6.25 -6.90
N PHE H 94 -8.08 -5.35 -5.92
CA PHE H 94 -7.36 -5.50 -4.66
C PHE H 94 -7.74 -6.73 -3.85
N VAL H 95 -6.85 -7.16 -2.96
CA VAL H 95 -7.10 -8.34 -2.14
C VAL H 95 -8.01 -8.00 -0.96
N VAL H 96 -8.32 -6.71 -0.84
CA VAL H 96 -9.22 -6.23 0.19
C VAL H 96 -10.25 -5.34 -0.51
N GLU H 97 -11.51 -5.43 -0.09
CA GLU H 97 -12.57 -4.62 -0.68
C GLU H 97 -12.51 -3.23 -0.09
N ALA H 98 -11.52 -2.45 -0.52
CA ALA H 98 -11.36 -1.10 -0.02
C ALA H 98 -11.98 -0.12 -1.00
N THR H 99 -12.83 0.78 -0.51
CA THR H 99 -13.41 1.74 -1.43
C THR H 99 -12.52 2.96 -1.42
N PRO H 100 -12.21 3.49 -2.61
CA PRO H 100 -11.36 4.67 -2.73
C PRO H 100 -11.97 5.96 -2.20
N LEU H 101 -11.14 6.76 -1.54
CA LEU H 101 -11.58 8.04 -1.01
C LEU H 101 -10.58 9.12 -1.41
N GLU H 102 -11.09 10.29 -1.77
CA GLU H 102 -10.21 11.39 -2.13
C GLU H 102 -9.64 11.98 -0.83
N ALA H 103 -8.61 12.81 -0.97
CA ALA H 103 -7.93 13.41 0.16
C ALA H 103 -8.81 13.92 1.32
N ASP H 104 -9.69 14.88 1.03
CA ASP H 104 -10.53 15.43 2.09
C ASP H 104 -11.46 14.41 2.72
N ALA H 105 -12.03 13.53 1.90
CA ALA H 105 -12.94 12.51 2.41
C ALA H 105 -12.23 11.54 3.36
N LEU H 106 -11.08 11.03 2.95
CA LEU H 106 -10.34 10.09 3.80
C LEU H 106 -9.96 10.80 5.07
N ARG H 107 -9.52 12.04 4.95
CA ARG H 107 -9.14 12.84 6.11
C ARG H 107 -10.28 12.93 7.11
N ARG H 108 -11.47 13.29 6.63
CA ARG H 108 -12.63 13.41 7.53
C ARG H 108 -13.02 12.06 8.14
N GLU H 109 -12.90 11.00 7.36
CA GLU H 109 -13.26 9.67 7.84
C GLU H 109 -12.35 9.24 9.00
N LEU H 110 -11.05 9.43 8.82
CA LEU H 110 -10.07 9.07 9.85
C LEU H 110 -10.30 9.83 11.14
N ALA H 111 -10.78 11.07 11.03
CA ALA H 111 -11.02 11.91 12.20
C ALA H 111 -12.15 11.37 13.10
N ASN H 112 -12.91 10.40 12.62
CA ASN H 112 -13.99 9.81 13.41
C ASN H 112 -13.47 8.82 14.46
N TYR H 113 -12.21 8.39 14.31
CA TYR H 113 -11.67 7.40 15.23
C TYR H 113 -10.91 7.92 16.44
N ASP H 114 -11.02 7.20 17.55
CA ASP H 114 -10.40 7.55 18.82
C ASP H 114 -8.94 7.11 18.93
N VAL H 115 -8.60 5.98 18.32
CA VAL H 115 -7.24 5.48 18.35
C VAL H 115 -6.78 5.14 16.94
N ILE H 116 -5.58 5.60 16.58
CA ILE H 116 -5.03 5.32 15.26
C ILE H 116 -3.70 4.59 15.41
N LEU H 117 -3.63 3.38 14.87
CA LEU H 117 -2.40 2.60 14.91
C LEU H 117 -1.86 2.53 13.49
N ARG H 118 -0.69 3.12 13.27
CA ARG H 118 -0.07 3.12 11.94
C ARG H 118 1.05 2.09 11.80
N PHE H 119 1.02 1.38 10.67
CA PHE H 119 2.02 0.35 10.37
C PHE H 119 2.65 0.57 9.00
N MET I 1 -7.10 16.01 15.84
CA MET I 1 -6.12 14.99 16.22
C MET I 1 -4.72 15.57 16.30
N LEU I 2 -3.88 14.95 17.11
CA LEU I 2 -2.50 15.38 17.25
C LEU I 2 -1.65 14.56 16.29
N HIS I 3 -0.91 15.24 15.42
CA HIS I 3 -0.03 14.56 14.50
C HIS I 3 1.36 14.65 15.08
N THR I 4 2.07 13.53 15.03
CA THR I 4 3.42 13.42 15.55
C THR I 4 4.40 13.04 14.43
N LEU I 5 5.49 13.77 14.30
CA LEU I 5 6.48 13.44 13.27
C LEU I 5 7.83 13.25 13.96
N HIS I 6 8.28 12.00 14.01
CA HIS I 6 9.54 11.71 14.69
C HIS I 6 10.70 11.51 13.74
N ARG I 7 10.43 11.53 12.44
CA ARG I 7 11.51 11.34 11.47
C ARG I 7 11.77 12.60 10.66
N SER I 8 12.95 12.64 10.04
CA SER I 8 13.34 13.77 9.19
C SER I 8 12.29 13.91 8.11
N PRO I 9 11.86 15.14 7.81
CA PRO I 9 10.85 15.29 6.76
C PRO I 9 11.36 14.83 5.39
N TRP I 10 12.68 14.77 5.23
CA TRP I 10 13.28 14.34 3.96
C TRP I 10 13.17 12.83 3.80
N LEU I 11 12.88 12.13 4.89
CA LEU I 11 12.75 10.68 4.86
C LEU I 11 11.32 10.24 5.19
N THR I 12 10.39 11.18 5.07
CA THR I 12 8.99 10.93 5.37
C THR I 12 8.18 11.16 4.11
N ASP I 13 7.05 10.46 3.99
CA ASP I 13 6.18 10.66 2.85
C ASP I 13 5.41 11.92 3.28
N PHE I 14 6.05 13.07 3.10
CA PHE I 14 5.47 14.34 3.52
C PHE I 14 4.13 14.69 2.88
N ALA I 15 3.98 14.39 1.59
CA ALA I 15 2.72 14.68 0.91
C ALA I 15 1.58 13.92 1.62
N ALA I 16 1.85 12.67 1.98
CA ALA I 16 0.86 11.84 2.67
C ALA I 16 0.52 12.44 4.04
N LEU I 17 1.52 12.96 4.74
CA LEU I 17 1.29 13.56 6.04
C LEU I 17 0.42 14.81 5.92
N LEU I 18 0.75 15.67 4.96
CA LEU I 18 -0.01 16.90 4.74
C LEU I 18 -1.49 16.66 4.42
N ARG I 19 -1.78 15.61 3.65
CA ARG I 19 -3.16 15.28 3.26
C ARG I 19 -4.07 14.94 4.44
N LEU I 20 -3.49 14.59 5.58
CA LEU I 20 -4.26 14.21 6.74
C LEU I 20 -4.54 15.31 7.74
N LEU I 21 -3.94 16.47 7.52
CA LEU I 21 -4.12 17.61 8.43
C LEU I 21 -5.46 18.32 8.24
N SER I 22 -6.23 18.39 9.31
CA SER I 22 -7.53 19.07 9.30
C SER I 22 -7.42 20.34 10.13
N GLU I 23 -8.22 21.34 9.82
CA GLU I 23 -8.18 22.57 10.61
C GLU I 23 -8.48 22.17 12.04
N GLY I 24 -7.74 22.72 12.99
CA GLY I 24 -7.97 22.36 14.37
C GLY I 24 -6.97 21.33 14.87
N ASP I 25 -6.33 20.63 13.95
CA ASP I 25 -5.33 19.64 14.33
C ASP I 25 -4.04 20.37 14.68
N GLU I 26 -3.12 19.64 15.32
CA GLU I 26 -1.85 20.21 15.68
C GLU I 26 -0.77 19.18 15.37
N LEU I 27 0.40 19.67 14.99
CA LEU I 27 1.51 18.80 14.66
C LEU I 27 2.67 19.01 15.61
N LEU I 28 3.16 17.93 16.21
CA LEU I 28 4.31 18.04 17.09
C LEU I 28 5.50 17.39 16.42
N LEU I 29 6.60 18.14 16.35
CA LEU I 29 7.84 17.66 15.79
C LEU I 29 8.69 17.17 16.96
N LEU I 30 9.18 15.94 16.89
CA LEU I 30 10.02 15.41 17.96
C LEU I 30 11.13 14.58 17.34
N GLN I 31 12.13 14.21 18.16
CA GLN I 31 13.25 13.42 17.68
C GLN I 31 13.80 14.09 16.39
N ASP I 32 14.02 13.32 15.33
CA ASP I 32 14.54 13.92 14.09
C ASP I 32 13.57 14.84 13.39
N GLY I 33 12.29 14.78 13.77
CA GLY I 33 11.29 15.62 13.14
C GLY I 33 11.50 17.12 13.35
N VAL I 34 12.18 17.51 14.41
CA VAL I 34 12.40 18.94 14.69
C VAL I 34 13.22 19.65 13.62
N THR I 35 13.91 18.92 12.75
CA THR I 35 14.70 19.58 11.71
C THR I 35 13.78 20.34 10.77
N ALA I 36 12.50 19.97 10.76
CA ALA I 36 11.51 20.62 9.91
C ALA I 36 11.14 22.00 10.45
N ALA I 37 11.63 22.32 11.64
CA ALA I 37 11.35 23.58 12.29
C ALA I 37 12.44 24.62 12.04
N VAL I 38 13.53 24.21 11.39
CA VAL I 38 14.64 25.09 11.11
C VAL I 38 14.25 26.19 10.13
N ASP I 39 14.38 27.43 10.56
CA ASP I 39 14.04 28.58 9.73
C ASP I 39 14.73 28.51 8.37
N GLY I 40 13.93 28.61 7.31
CA GLY I 40 14.47 28.59 5.96
C GLY I 40 14.52 27.22 5.30
N ASN I 41 14.12 26.16 6.00
CA ASN I 41 14.17 24.84 5.38
C ASN I 41 13.05 24.65 4.37
N ARG I 42 13.32 23.80 3.39
CA ARG I 42 12.40 23.46 2.30
C ARG I 42 10.97 23.05 2.69
N TYR I 43 10.79 22.44 3.85
CA TYR I 43 9.46 21.99 4.27
C TYR I 43 8.65 22.96 5.14
N LEU I 44 9.31 23.99 5.64
CA LEU I 44 8.67 24.95 6.51
C LEU I 44 7.44 25.63 5.91
N GLU I 45 7.55 26.05 4.66
CA GLU I 45 6.43 26.74 4.01
C GLU I 45 5.15 25.91 3.94
N SER I 46 5.26 24.65 3.54
CA SER I 46 4.07 23.82 3.46
C SER I 46 3.41 23.67 4.83
N LEU I 47 4.21 23.61 5.89
CA LEU I 47 3.65 23.50 7.23
C LEU I 47 2.89 24.76 7.59
N ARG I 48 3.52 25.91 7.35
CA ARG I 48 2.93 27.21 7.64
C ARG I 48 1.63 27.42 6.85
N ASN I 49 1.56 26.87 5.64
CA ASN I 49 0.37 27.01 4.82
C ASN I 49 -0.71 26.01 5.23
N ALA I 50 -0.41 25.13 6.18
CA ALA I 50 -1.39 24.16 6.63
C ALA I 50 -2.24 24.82 7.73
N PRO I 51 -3.53 24.46 7.80
CA PRO I 51 -4.47 25.01 8.79
C PRO I 51 -4.24 24.45 10.19
N ILE I 52 -2.98 24.44 10.63
CA ILE I 52 -2.65 23.89 11.93
C ILE I 52 -1.58 24.65 12.67
N LYS I 53 -1.42 24.32 13.95
CA LYS I 53 -0.37 24.92 14.78
C LYS I 53 0.73 23.87 14.85
N VAL I 54 1.97 24.31 14.71
CA VAL I 54 3.09 23.40 14.75
C VAL I 54 3.93 23.58 16.02
N TYR I 55 4.23 22.46 16.69
CA TYR I 55 5.03 22.49 17.92
C TYR I 55 6.31 21.67 17.72
N ALA I 56 7.35 22.02 18.47
CA ALA I 56 8.63 21.31 18.41
C ALA I 56 9.11 21.02 19.84
N LEU I 57 9.53 19.78 20.07
CA LEU I 57 10.01 19.38 21.38
C LEU I 57 11.39 19.97 21.66
N ASN I 58 11.42 20.86 22.64
CA ASN I 58 12.62 21.54 23.07
C ASN I 58 13.82 20.63 23.36
N GLU I 59 13.58 19.51 24.04
CA GLU I 59 14.67 18.59 24.35
C GLU I 59 15.38 18.08 23.10
N ASP I 60 14.62 17.90 22.02
CA ASP I 60 15.22 17.43 20.78
C ASP I 60 15.95 18.53 20.03
N LEU I 61 15.53 19.79 20.22
CA LEU I 61 16.22 20.91 19.57
C LEU I 61 17.57 21.09 20.29
N ILE I 62 17.55 20.92 21.61
CA ILE I 62 18.76 21.06 22.40
C ILE I 62 19.76 19.97 22.04
N ALA I 63 19.26 18.74 21.91
CA ALA I 63 20.12 17.61 21.55
C ALA I 63 20.80 17.82 20.21
N ARG I 64 20.10 18.47 19.29
CA ARG I 64 20.65 18.69 17.95
C ARG I 64 21.27 20.08 17.74
N GLY I 65 21.32 20.87 18.80
CA GLY I 65 21.88 22.20 18.71
C GLY I 65 21.14 23.10 17.73
N LEU I 66 19.82 23.10 17.80
CA LEU I 66 19.01 23.91 16.89
C LEU I 66 18.10 24.92 17.58
N THR I 67 18.23 25.05 18.91
CA THR I 67 17.38 25.98 19.66
C THR I 67 17.37 27.43 19.17
N GLY I 68 18.46 27.88 18.56
CA GLY I 68 18.50 29.25 18.09
C GLY I 68 18.21 29.44 16.62
N GLN I 69 17.73 28.40 15.95
CA GLN I 69 17.44 28.48 14.53
C GLN I 69 16.00 28.13 14.18
N ILE I 70 15.14 28.16 15.18
CA ILE I 70 13.73 27.82 15.01
C ILE I 70 12.88 28.96 14.45
N SER I 71 11.94 28.60 13.58
CA SER I 71 11.04 29.58 13.00
C SER I 71 10.18 30.13 14.14
N ASN I 72 9.79 31.40 14.02
CA ASN I 72 8.96 32.02 15.06
C ASN I 72 7.54 31.48 15.01
N ASP I 73 7.19 30.81 13.92
CA ASP I 73 5.85 30.26 13.75
C ASP I 73 5.70 28.97 14.57
N ILE I 74 6.82 28.37 14.95
CA ILE I 74 6.82 27.13 15.70
C ILE I 74 6.86 27.33 17.21
N ILE I 75 5.94 26.67 17.91
CA ILE I 75 5.84 26.76 19.36
C ILE I 75 6.72 25.74 20.08
N LEU I 76 7.59 26.23 20.95
CA LEU I 76 8.52 25.39 21.70
C LEU I 76 7.87 24.81 22.95
N ILE I 77 7.94 23.49 23.11
CA ILE I 77 7.34 22.85 24.27
C ILE I 77 8.25 21.79 24.90
N ASP I 78 7.91 21.40 26.13
CA ASP I 78 8.68 20.36 26.81
C ASP I 78 7.82 19.12 26.91
N TYR I 79 8.31 18.11 27.61
CA TYR I 79 7.55 16.86 27.74
C TYR I 79 6.21 17.04 28.45
N THR I 80 6.16 17.90 29.46
CA THR I 80 4.89 18.11 30.16
C THR I 80 3.88 18.69 29.19
N ASP I 81 4.33 19.59 28.33
CA ASP I 81 3.46 20.20 27.33
C ASP I 81 3.01 19.11 26.36
N PHE I 82 3.94 18.22 26.01
CA PHE I 82 3.70 17.11 25.11
C PHE I 82 2.54 16.29 25.70
N VAL I 83 2.67 15.93 26.98
CA VAL I 83 1.64 15.16 27.67
C VAL I 83 0.28 15.85 27.54
N ARG I 84 0.22 17.15 27.85
CA ARG I 84 -1.04 17.88 27.76
C ARG I 84 -1.59 17.95 26.34
N LEU I 85 -0.70 17.91 25.36
CA LEU I 85 -1.14 17.95 23.98
C LEU I 85 -1.89 16.64 23.68
N THR I 86 -1.41 15.52 24.23
CA THR I 86 -2.07 14.24 24.00
C THR I 86 -3.38 14.13 24.82
N VAL I 87 -3.48 14.91 25.89
CA VAL I 87 -4.69 14.89 26.69
C VAL I 87 -5.75 15.70 25.94
N LYS I 88 -5.30 16.79 25.31
CA LYS I 88 -6.20 17.66 24.56
C LYS I 88 -6.78 16.98 23.32
N HIS I 89 -5.96 16.22 22.61
CA HIS I 89 -6.43 15.53 21.41
C HIS I 89 -6.81 14.08 21.70
N PRO I 90 -8.01 13.67 21.29
CA PRO I 90 -8.54 12.31 21.47
C PRO I 90 -7.72 11.23 20.78
N SER I 91 -7.14 11.57 19.65
CA SER I 91 -6.35 10.60 18.90
C SER I 91 -5.02 11.18 18.42
N GLN I 92 -4.11 10.28 18.09
CA GLN I 92 -2.78 10.65 17.60
C GLN I 92 -2.45 9.89 16.31
N MET I 93 -1.87 10.60 15.34
CA MET I 93 -1.46 10.02 14.07
C MET I 93 0.06 10.16 14.13
N ALA I 94 0.72 9.04 14.42
CA ALA I 94 2.17 9.04 14.57
C ALA I 94 2.94 8.71 13.30
N TRP I 95 3.73 9.68 12.84
CA TRP I 95 4.55 9.51 11.65
C TRP I 95 6.02 9.39 12.08
#